data_316D
# 
_entry.id   316D 
# 
_audit_conform.dict_name       mmcif_pdbx.dic 
_audit_conform.dict_version    5.397 
_audit_conform.dict_location   http://mmcif.pdb.org/dictionaries/ascii/mmcif_pdbx.dic 
# 
loop_
_database_2.database_id 
_database_2.database_code 
_database_2.pdbx_database_accession 
_database_2.pdbx_DOI 
PDB   316D         pdb_0000316d 10.2210/pdb316d/pdb 
RCSB  DDH071       ?            ?                   
WWPDB D_1000178784 ?            ?                   
# 
loop_
_pdbx_audit_revision_history.ordinal 
_pdbx_audit_revision_history.data_content_type 
_pdbx_audit_revision_history.major_revision 
_pdbx_audit_revision_history.minor_revision 
_pdbx_audit_revision_history.revision_date 
1  'Structure model' 1 0 1997-11-05 
2  'Structure model' 1 1 2011-06-14 
3  'Structure model' 1 2 2011-07-13 
4  'Structure model' 1 3 2011-07-27 
5  'Structure model' 1 4 2012-12-12 
6  'Structure model' 1 5 2018-04-25 
7  'Structure model' 1 6 2022-12-21 
8  'Structure model' 2 0 2023-11-15 
9  'Structure model' 2 1 2024-04-03 
10 'Structure model' 3 0 2024-07-10 
11 'Structure model' 3 1 2024-10-23 
# 
_pdbx_audit_revision_details.ordinal             1 
_pdbx_audit_revision_details.revision_ordinal    1 
_pdbx_audit_revision_details.data_content_type   'Structure model' 
_pdbx_audit_revision_details.provider            repository 
_pdbx_audit_revision_details.type                'Initial release' 
_pdbx_audit_revision_details.description         ? 
_pdbx_audit_revision_details.details             ? 
# 
loop_
_pdbx_audit_revision_group.ordinal 
_pdbx_audit_revision_group.revision_ordinal 
_pdbx_audit_revision_group.data_content_type 
_pdbx_audit_revision_group.group 
1  2  'Structure model' 'Version format compliance' 
2  3  'Structure model' 'Version format compliance' 
3  4  'Structure model' 'Atomic model'              
4  4  'Structure model' 'Database references'       
5  4  'Structure model' 'Derived calculations'      
6  4  'Structure model' 'Non-polymer description'   
7  4  'Structure model' 'Structure summary'         
8  5  'Structure model' Other                       
9  6  'Structure model' Advisory                    
10 6  'Structure model' 'Data collection'           
11 6  'Structure model' 'Structure summary'         
12 7  'Structure model' 'Database references'       
13 7  'Structure model' 'Derived calculations'      
14 8  'Structure model' 'Atomic model'              
15 8  'Structure model' 'Data collection'           
16 8  'Structure model' 'Derived calculations'      
17 9  'Structure model' 'Refinement description'    
18 10 'Structure model' 'Data collection'           
19 10 'Structure model' 'Derived calculations'      
20 10 'Structure model' 'Non-polymer description'   
21 10 'Structure model' 'Structure summary'         
22 11 'Structure model' 'Structure summary'         
# 
loop_
_pdbx_audit_revision_category.ordinal 
_pdbx_audit_revision_category.revision_ordinal 
_pdbx_audit_revision_category.data_content_type 
_pdbx_audit_revision_category.category 
1  6  'Structure model' chem_comp                     
2  6  'Structure model' pdbx_validate_polymer_linkage 
3  7  'Structure model' database_2                    
4  7  'Structure model' struct_conn                   
5  7  'Structure model' struct_ref_seq_dif            
6  8  'Structure model' atom_site                     
7  8  'Structure model' chem_comp_atom                
8  8  'Structure model' chem_comp_bond                
9  8  'Structure model' struct_conn                   
10 9  'Structure model' pdbx_initial_refinement_model 
11 10 'Structure model' chem_comp                     
12 10 'Structure model' chem_comp_atom                
13 10 'Structure model' chem_comp_bond                
14 10 'Structure model' entity                        
15 10 'Structure model' struct_conn                   
16 11 'Structure model' pdbx_entry_details            
17 11 'Structure model' pdbx_modification_feature     
# 
loop_
_pdbx_audit_revision_item.ordinal 
_pdbx_audit_revision_item.revision_ordinal 
_pdbx_audit_revision_item.data_content_type 
_pdbx_audit_revision_item.item 
1  6  'Structure model' '_chem_comp.pdbx_synonyms'                     
2  7  'Structure model' '_database_2.pdbx_DOI'                         
3  7  'Structure model' '_database_2.pdbx_database_accession'          
4  7  'Structure model' '_struct_conn.pdbx_leaving_atom_flag'          
5  7  'Structure model' '_struct_ref_seq_dif.details'                  
6  8  'Structure model' '_atom_site.auth_atom_id'                      
7  8  'Structure model' '_atom_site.label_atom_id'                     
8  8  'Structure model' '_struct_conn.ptnr1_label_atom_id'             
9  8  'Structure model' '_struct_conn.ptnr2_label_atom_id'             
10 10 'Structure model' '_chem_comp.formula'                           
11 10 'Structure model' '_chem_comp.formula_weight'                    
12 10 'Structure model' '_entity.formula_weight'                       
13 10 'Structure model' '_struct_conn.pdbx_leaving_atom_flag'          
14 11 'Structure model' '_pdbx_entry_details.has_protein_modification' 
# 
_pdbx_database_status.status_code                     REL 
_pdbx_database_status.entry_id                        316D 
_pdbx_database_status.recvd_initial_deposition_date   1997-03-05 
_pdbx_database_status.deposit_site                    NDB 
_pdbx_database_status.process_site                    NDB 
_pdbx_database_status.SG_entry                        ? 
_pdbx_database_status.status_code_sf                  ? 
_pdbx_database_status.status_code_mr                  ? 
_pdbx_database_status.pdb_format_compatible           Y 
_pdbx_database_status.status_code_cs                  ? 
_pdbx_database_status.methods_development_category    ? 
_pdbx_database_status.status_code_nmr_data            ? 
# 
loop_
_pdbx_database_related.db_name 
_pdbx_database_related.db_id 
_pdbx_database_related.content_type 
_pdbx_database_related.details 
PDB 1A7Z unspecified 'CRYSTAL STRUCTURE OF ACTINOMYCIN Z3'                                                        
PDB 209D unspecified 'CRYSTAL STRUCTURE OF N8-ACTINOMYCIN D COMPLEXED WITH D(GAAGCTTC)2'                          
PDB 1UNM unspecified 'CRYSTAL STRUCTURE OF 7-AMINOACTINOMYCIN D COMPLEXED WITH NON-COMPLEMENTARY DNA'             
PDB 1I3W unspecified 'CRYSTAL STRUCTURE OF ACTINOMYCIN D COMPLEXED WITH DNA (CGATCGATCG)2'                        
PDB 1A7Y unspecified 'CRYSTAL STRUCTURE OF ACTINOMYCIN D'                                                         
PDB 1FJA unspecified 'SOLUTION STRUCTURE OF ACTINOMYCIN D COMPLEXED WITH DNA (AAGCGCTT)2'                         
PDB 173D unspecified 'CRYSTAL STRUCTURE OF ACTINOMYCIN D COMPLEXED WITH DNA (GAAGCTTC)2'                          
PDB 2D55 unspecified 'CRYSTAL STRUCTURE OF ACTINOMYCIN D COMPLEXED WITH DNA (GAAGCTTC)2'                          
PDB 1DSC unspecified 'SOLUTION STRUCTURE OF ACTINOMYCIN D COMPLEXED WITH DNA (GAAGCTTC)2'                         
PDB 1L1V unspecified 'SOLUTION STRUCTURE OF ACTNIOMYCIN D COMPLEXED WITH MISMATCHED DNA (GTCACCGAC)'              
PDB 1DSD unspecified 'SOLUTION STRUCTURE OF ACTINOMYCIN D COMPLEXED WITH DNA (GATGCTTC)2'                         
PDB 1MNV unspecified 'CRYSTAL STRUCTURE OF ACTINOMYCIN D COMPLEXED WITH DNA (ATGCTGCAT)2'                         
PDB 1UNJ unspecified 'CRYSTAL STRUCTURE OF 7-AMINO-ACTINOMYCIN D COMPLEXED WITH A NON-COMPLEMENTARY DNA (TTAGT)2' 
PDB 1OVF unspecified 'SOLUTIOM STRUCTURE OF ACTINOMYCIN D COMPLEXED WITH DNA (CCGTTTTGTGG)2'                      
PDB 1QFI unspecified 'CRYSTAL STRUCTURE OF ACTINOMYCIN X2'                                                        
# 
loop_
_audit_author.name 
_audit_author.pdbx_ordinal 
'Takusagawa, F.'   1 
'Takusagawa, K.T.' 2 
'Carlson, R.G.'    3 
'Weaver, R.F.'     4 
# 
_citation.id                        primary 
_citation.title                     'Selectivity of F8-Actinomycin D for RNA:DNA Hybrids and its Anti-Leukemia Activity.' 
_citation.journal_abbrev            Bioorg.Med.Chem. 
_citation.journal_volume            5 
_citation.page_first                1197 
_citation.page_last                 ? 
_citation.year                      1997 
_citation.journal_id_ASTM           BMECEP 
_citation.country                   UK 
_citation.journal_id_ISSN           0968-0896 
_citation.journal_id_CSD            1200 
_citation.book_publisher            ? 
_citation.pdbx_database_id_PubMed   9222513 
_citation.pdbx_database_id_DOI      '10.1016/S0968-0896(97)00062-X' 
# 
loop_
_citation_author.citation_id 
_citation_author.name 
_citation_author.ordinal 
_citation_author.identifier_ORCID 
primary 'Takusagawa, F.'   1 ? 
primary 'Takusagawa, K.T.' 2 ? 
primary 'Carlson, R.G.'    3 ? 
primary 'Weaver, R.F.'     4 ? 
# 
loop_
_entity.id 
_entity.type 
_entity.src_method 
_entity.pdbx_description 
_entity.formula_weight 
_entity.pdbx_number_of_molecules 
_entity.pdbx_ec 
_entity.pdbx_mutation 
_entity.pdbx_fragment 
_entity.details 
1 polymer syn 
;DNA (5'-D(*GP*AP*AP*GP*CP*TP*TP*C)-3')
;
2426.617 2 ? ? ? ? 
2 polymer nat '8-FLUORO-ACTINOMYCIN D'                 1309.437 1 ? ? ? ? 
# 
_entity_name_com.entity_id   2 
_entity_name_com.name        DACTINOMYCIN 
# 
loop_
_entity_poly.entity_id 
_entity_poly.type 
_entity_poly.nstd_linkage 
_entity_poly.nstd_monomer 
_entity_poly.pdbx_seq_one_letter_code 
_entity_poly.pdbx_seq_one_letter_code_can 
_entity_poly.pdbx_strand_id 
_entity_poly.pdbx_target_identifier 
1 polydeoxyribonucleotide no no  '(DG)(DA)(DA)(DG)(DC)(DT)(DT)(DC)'        GAAGCTTC    A,B ? 
2 'polypeptide(L)'        no yes 'T(DVA)P(SAR)(MVA)(PXF)T(DVA)P(SAR)(MVA)' TVPGVXTVPGV C   ? 
# 
loop_
_entity_poly_seq.entity_id 
_entity_poly_seq.num 
_entity_poly_seq.mon_id 
_entity_poly_seq.hetero 
1 1  DG  n 
1 2  DA  n 
1 3  DA  n 
1 4  DG  n 
1 5  DC  n 
1 6  DT  n 
1 7  DT  n 
1 8  DC  n 
2 1  THR n 
2 2  DVA n 
2 3  PRO n 
2 4  SAR n 
2 5  MVA n 
2 6  PXF n 
2 7  THR n 
2 8  DVA n 
2 9  PRO n 
2 10 SAR n 
2 11 MVA n 
# 
_entity_src_nat.entity_id                  2 
_entity_src_nat.pdbx_src_id                1 
_entity_src_nat.pdbx_alt_source_flag       sample 
_entity_src_nat.pdbx_beg_seq_num           ? 
_entity_src_nat.pdbx_end_seq_num           ? 
_entity_src_nat.common_name                ? 
_entity_src_nat.pdbx_organism_scientific   'STREPTOMYCES ANTIBIOTICUS' 
_entity_src_nat.pdbx_ncbi_taxonomy_id      1890 
_entity_src_nat.genus                      ? 
_entity_src_nat.species                    ? 
_entity_src_nat.strain                     ? 
_entity_src_nat.tissue                     ? 
_entity_src_nat.tissue_fraction            ? 
_entity_src_nat.pdbx_secretion             ? 
_entity_src_nat.pdbx_fragment              ? 
_entity_src_nat.pdbx_variant               ? 
_entity_src_nat.pdbx_cell_line             ? 
_entity_src_nat.pdbx_atcc                  ? 
_entity_src_nat.pdbx_cellular_location     ? 
_entity_src_nat.pdbx_organ                 ? 
_entity_src_nat.pdbx_organelle             ? 
_entity_src_nat.pdbx_cell                  ? 
_entity_src_nat.pdbx_plasmid_name          ? 
_entity_src_nat.pdbx_plasmid_details       ? 
_entity_src_nat.details                    ? 
# 
loop_
_chem_comp.id 
_chem_comp.type 
_chem_comp.mon_nstd_flag 
_chem_comp.name 
_chem_comp.pdbx_synonyms 
_chem_comp.formula 
_chem_comp.formula_weight 
DA  'DNA linking'       y "2'-DEOXYADENOSINE-5'-MONOPHOSPHATE"                                     ?                    
'C10 H14 N5 O6 P' 331.222 
DC  'DNA linking'       y "2'-DEOXYCYTIDINE-5'-MONOPHOSPHATE"                                      ?                    
'C9 H14 N3 O7 P'  307.197 
DG  'DNA linking'       y "2'-DEOXYGUANOSINE-5'-MONOPHOSPHATE"                                     ?                    
'C10 H14 N5 O7 P' 347.221 
DT  'DNA linking'       y "THYMIDINE-5'-MONOPHOSPHATE"                                             ?                    
'C10 H15 N2 O8 P' 322.208 
DVA 'D-peptide linking' . D-VALINE                                                                 ?                    
'C5 H11 N O2'     117.146 
MVA 'L-peptide linking' n N-METHYLVALINE                                                           ?                    
'C6 H13 N O2'     131.173 
PRO 'L-peptide linking' y PROLINE                                                                  ?                    
'C5 H9 N O2'      115.130 
PXF non-polymer         . 2-AMINO-1,9-DICARBONYL-4,6-DIMETHYL-10-DEHYDRO-8-FLUORO-3-OXOPHENOXAZINE 8-FLUORO-PHENOXAZINE 
'C16 H11 F N2 O6' 346.267 
PXZ non-polymer         . 2-AMINO-1,9-DICARBONYL-4,6-DIMETHYL-10-DEHYDRO-PHENOXAZIN-3-ONE          PHENOXAZINE          
'C16 H12 N2 O6'   328.276 
SAR 'peptide linking'   n SARCOSINE                                                                ?                    
'C3 H7 N O2'      89.093  
THR 'L-peptide linking' y THREONINE                                                                ?                    
'C4 H9 N O3'      119.119 
# 
loop_
_pdbx_poly_seq_scheme.asym_id 
_pdbx_poly_seq_scheme.entity_id 
_pdbx_poly_seq_scheme.seq_id 
_pdbx_poly_seq_scheme.mon_id 
_pdbx_poly_seq_scheme.ndb_seq_num 
_pdbx_poly_seq_scheme.pdb_seq_num 
_pdbx_poly_seq_scheme.auth_seq_num 
_pdbx_poly_seq_scheme.pdb_mon_id 
_pdbx_poly_seq_scheme.auth_mon_id 
_pdbx_poly_seq_scheme.pdb_strand_id 
_pdbx_poly_seq_scheme.pdb_ins_code 
_pdbx_poly_seq_scheme.hetero 
A 1 1  DG  1  1  1  DG  DG  A . n 
A 1 2  DA  2  2  2  DA  DA  A . n 
A 1 3  DA  3  3  3  DA  DA  A . n 
A 1 4  DG  4  4  4  DG  DG  A . n 
A 1 5  DC  5  5  5  DC  DC  A . n 
A 1 6  DT  6  6  6  DT  DT  A . n 
A 1 7  DT  7  7  7  DT  DT  A . n 
A 1 8  DC  8  8  8  DC  DC  A . n 
B 1 1  DG  1  9  9  DG  DG  B . n 
B 1 2  DA  2  10 10 DA  DA  B . n 
B 1 3  DA  3  11 11 DA  DA  B . n 
B 1 4  DG  4  12 12 DG  DG  B . n 
B 1 5  DC  5  13 13 DC  DC  B . n 
B 1 6  DT  6  14 14 DT  DT  B . n 
B 1 7  DT  7  15 15 DT  DT  B . n 
B 1 8  DC  8  16 16 DC  DC  B . n 
C 2 1  THR 1  1  1  THR THR C . n 
C 2 2  DVA 2  2  2  DVA DVA C . n 
C 2 3  PRO 3  3  3  PRO PRO C . n 
C 2 4  SAR 4  4  4  SAR SAR C . n 
C 2 5  MVA 5  5  5  MVA MVA C . n 
C 2 6  PXF 6  6  6  PXF PXF C . n 
C 2 7  THR 7  7  7  THR THR C . n 
C 2 8  DVA 8  8  8  DVA DVA C . n 
C 2 9  PRO 9  9  9  PRO PRO C . n 
C 2 10 SAR 10 10 10 SAR SAR C . n 
C 2 11 MVA 11 11 11 MVA MVA C . n 
# 
loop_
_software.name 
_software.classification 
_software.version 
_software.citation_id 
_software.pdbx_ordinal 
X-PLOR 'model building' . ? 1 
X-PLOR refinement       . ? 2 
ELMS   'data reduction' . ? 3 
KUAVST 'data scaling'   . ? 4 
KUMDS  'data scaling'   . ? 5 
X-PLOR phasing          . ? 6 
# 
_cell.entry_id           316D 
_cell.length_a           62.770 
_cell.length_b           62.770 
_cell.length_c           43.030 
_cell.angle_alpha        90.00 
_cell.angle_beta         90.00 
_cell.angle_gamma        120.00 
_cell.Z_PDB              12 
_cell.pdbx_unique_axis   ? 
# 
_symmetry.entry_id                         316D 
_symmetry.space_group_name_H-M             'P 31 2 1' 
_symmetry.pdbx_full_space_group_name_H-M   ? 
_symmetry.cell_setting                     ? 
_symmetry.Int_Tables_number                152 
# 
_exptl.entry_id          316D 
_exptl.method            'X-RAY DIFFRACTION' 
_exptl.crystals_number   ? 
# 
_exptl_crystal.id                    1 
_exptl_crystal.density_meas          ? 
_exptl_crystal.density_Matthews      5.04 
_exptl_crystal.density_percent_sol   75.60 
_exptl_crystal.description           ? 
# 
_exptl_crystal_grow.crystal_id      1 
_exptl_crystal_grow.method          ? 
_exptl_crystal_grow.temp            ? 
_exptl_crystal_grow.temp_details    ? 
_exptl_crystal_grow.pH              7.00 
_exptl_crystal_grow.pdbx_pH_range   ? 
_exptl_crystal_grow.pdbx_details    'PH 7.00, VAPOR DIFFUSION, HANGING DROP, TEMPERATURE 299.00K' 
# 
loop_
_exptl_crystal_grow_comp.crystal_id 
_exptl_crystal_grow_comp.id 
_exptl_crystal_grow_comp.sol_id 
_exptl_crystal_grow_comp.name 
_exptl_crystal_grow_comp.volume 
_exptl_crystal_grow_comp.conc 
_exptl_crystal_grow_comp.details 
1 1 1 WATER        ? ? ? 
1 2 1 MPD          ? ? ? 
1 3 1 MGCL2        ? ? ? 
1 4 1 CACODYLATE   ? ? ? 
1 5 1 SPERMINE_HCL ? ? ? 
1 6 2 WATER        ? ? ? 
1 7 2 MPD          ? ? ? 
# 
_diffrn.id                     1 
_diffrn.ambient_temp           299.00 
_diffrn.ambient_temp_details   ? 
_diffrn.crystal_id             1 
# 
_diffrn_detector.diffrn_id              1 
_diffrn_detector.detector               'IMAGE PLATE' 
_diffrn_detector.type                   MACSCIENCE 
_diffrn_detector.pdbx_collection_date   1995-03-01 
_diffrn_detector.details                ? 
# 
_diffrn_radiation.diffrn_id                        1 
_diffrn_radiation.wavelength_id                    1 
_diffrn_radiation.pdbx_monochromatic_or_laue_m_l   M 
_diffrn_radiation.monochromator                    'GRAPHITE 002' 
_diffrn_radiation.pdbx_diffrn_protocol             'SINGLE WAVELENGTH' 
_diffrn_radiation.pdbx_scattering_type             x-ray 
# 
_diffrn_radiation_wavelength.id           1 
_diffrn_radiation_wavelength.wavelength   . 
_diffrn_radiation_wavelength.wt           1.0 
# 
_diffrn_source.diffrn_id                   1 
_diffrn_source.source                      'ROTATING ANODE' 
_diffrn_source.type                        'RIGAKU RU200' 
_diffrn_source.pdbx_synchrotron_site       ? 
_diffrn_source.pdbx_synchrotron_beamline   ? 
_diffrn_source.pdbx_wavelength             ? 
_diffrn_source.pdbx_wavelength_list        ? 
# 
_reflns.pdbx_diffrn_id               1 
_reflns.pdbx_ordinal                 1 
_reflns.entry_id                     316D 
_reflns.observed_criterion_sigma_I   0.000 
_reflns.observed_criterion_sigma_F   ? 
_reflns.d_resolution_low             7.000 
_reflns.d_resolution_high            3.000 
_reflns.number_obs                   1839 
_reflns.number_all                   ? 
_reflns.percent_possible_obs         95.0 
_reflns.pdbx_Rmerge_I_obs            0.07500 
_reflns.pdbx_Rsym_value              0.07500 
_reflns.pdbx_netI_over_sigmaI        ? 
_reflns.B_iso_Wilson_estimate        ? 
_reflns.pdbx_redundancy              ? 
# 
_reflns_shell.pdbx_diffrn_id         1 
_reflns_shell.pdbx_ordinal           1 
_reflns_shell.d_res_high             3.00 
_reflns_shell.d_res_low              3.20 
_reflns_shell.percent_possible_all   90.0 
_reflns_shell.Rmerge_I_obs           0.00180 
_reflns_shell.pdbx_Rsym_value        0.00180 
_reflns_shell.meanI_over_sigI_obs    2.200 
_reflns_shell.pdbx_redundancy        ? 
# 
_refine.pdbx_refine_id                           'X-RAY DIFFRACTION' 
_refine.entry_id                                 316D 
_refine.pdbx_diffrn_id                           1 
_refine.pdbx_TLS_residual_ADP_flag               ? 
_refine.ls_number_reflns_obs                     1839 
_refine.ls_number_reflns_all                     ? 
_refine.pdbx_ls_sigma_I                          ? 
_refine.pdbx_ls_sigma_F                          0.000 
_refine.pdbx_data_cutoff_high_absF               ? 
_refine.pdbx_data_cutoff_low_absF                ? 
_refine.pdbx_data_cutoff_high_rms_absF           ? 
_refine.ls_d_res_low                             7.00 
_refine.ls_d_res_high                            3.00 
_refine.ls_percent_reflns_obs                    95.0 
_refine.ls_R_factor_obs                          0.212 
_refine.ls_R_factor_all                          ? 
_refine.ls_R_factor_R_work                       0.212 
_refine.ls_R_factor_R_free                       0.261 
_refine.ls_R_factor_R_free_error                 ? 
_refine.ls_R_factor_R_free_error_details         ? 
_refine.ls_percent_reflns_R_free                 10.000 
_refine.ls_number_reflns_R_free                  184 
_refine.ls_number_parameters                     ? 
_refine.ls_number_restraints                     ? 
_refine.occupancy_min                            ? 
_refine.occupancy_max                            ? 
_refine.correlation_coeff_Fo_to_Fc               ? 
_refine.correlation_coeff_Fo_to_Fc_free          ? 
_refine.B_iso_mean                               38.00 
_refine.aniso_B[1][1]                            ? 
_refine.aniso_B[2][2]                            ? 
_refine.aniso_B[3][3]                            ? 
_refine.aniso_B[1][2]                            ? 
_refine.aniso_B[1][3]                            ? 
_refine.aniso_B[2][3]                            ? 
_refine.solvent_model_details                    ? 
_refine.solvent_model_param_ksol                 ? 
_refine.solvent_model_param_bsol                 ? 
_refine.pdbx_solvent_vdw_probe_radii             ? 
_refine.pdbx_solvent_ion_probe_radii             ? 
_refine.pdbx_solvent_shrinkage_radii             ? 
_refine.pdbx_ls_cross_valid_method               ? 
_refine.details                                  ? 
_refine.pdbx_starting_model                      DDH051 
_refine.pdbx_method_to_determine_struct          'MOLECULAR REPLACEMENT' 
_refine.pdbx_isotropic_thermal_model             ? 
_refine.pdbx_stereochemistry_target_values       ? 
_refine.pdbx_stereochem_target_val_spec_case     ? 
_refine.pdbx_R_Free_selection_details            ? 
_refine.pdbx_overall_ESU_R                       ? 
_refine.pdbx_overall_ESU_R_Free                  ? 
_refine.overall_SU_ML                            ? 
_refine.pdbx_overall_phase_error                 ? 
_refine.overall_SU_B                             ? 
_refine.overall_SU_R_Cruickshank_DPI             ? 
_refine.pdbx_overall_SU_R_free_Cruickshank_DPI   ? 
_refine.pdbx_overall_SU_R_Blow_DPI               ? 
_refine.pdbx_overall_SU_R_free_Blow_DPI          ? 
# 
_refine_hist.pdbx_refine_id                   'X-RAY DIFFRACTION' 
_refine_hist.cycle_id                         LAST 
_refine_hist.pdbx_number_atoms_protein        91 
_refine_hist.pdbx_number_atoms_nucleic_acid   322 
_refine_hist.pdbx_number_atoms_ligand         0 
_refine_hist.number_atoms_solvent             0 
_refine_hist.number_atoms_total               413 
_refine_hist.d_res_high                       3.00 
_refine_hist.d_res_low                        7.00 
# 
loop_
_refine_ls_restr.type 
_refine_ls_restr.dev_ideal 
_refine_ls_restr.dev_ideal_target 
_refine_ls_restr.weight 
_refine_ls_restr.number 
_refine_ls_restr.pdbx_refine_id 
_refine_ls_restr.pdbx_restraint_function 
x_bond_d                0.012 ? ? ? 'X-RAY DIFFRACTION' ? 
x_bond_d_na             ?     ? ? ? 'X-RAY DIFFRACTION' ? 
x_bond_d_prot           ?     ? ? ? 'X-RAY DIFFRACTION' ? 
x_angle_d               ?     ? ? ? 'X-RAY DIFFRACTION' ? 
x_angle_d_na            ?     ? ? ? 'X-RAY DIFFRACTION' ? 
x_angle_d_prot          ?     ? ? ? 'X-RAY DIFFRACTION' ? 
x_angle_deg             3.40  ? ? ? 'X-RAY DIFFRACTION' ? 
x_angle_deg_na          ?     ? ? ? 'X-RAY DIFFRACTION' ? 
x_angle_deg_prot        ?     ? ? ? 'X-RAY DIFFRACTION' ? 
x_dihedral_angle_d      24.00 ? ? ? 'X-RAY DIFFRACTION' ? 
x_dihedral_angle_d_na   ?     ? ? ? 'X-RAY DIFFRACTION' ? 
x_dihedral_angle_d_prot ?     ? ? ? 'X-RAY DIFFRACTION' ? 
x_improper_angle_d      ?     ? ? ? 'X-RAY DIFFRACTION' ? 
x_improper_angle_d_na   ?     ? ? ? 'X-RAY DIFFRACTION' ? 
x_improper_angle_d_prot ?     ? ? ? 'X-RAY DIFFRACTION' ? 
x_mcbond_it             ?     ? ? ? 'X-RAY DIFFRACTION' ? 
x_mcangle_it            ?     ? ? ? 'X-RAY DIFFRACTION' ? 
x_scbond_it             ?     ? ? ? 'X-RAY DIFFRACTION' ? 
x_scangle_it            ?     ? ? ? 'X-RAY DIFFRACTION' ? 
# 
_refine_ls_shell.pdbx_refine_id                   'X-RAY DIFFRACTION' 
_refine_ls_shell.pdbx_total_number_of_bins_used   1 
_refine_ls_shell.d_res_high                       3.00 
_refine_ls_shell.d_res_low                        3.20 
_refine_ls_shell.number_reflns_R_work             ? 
_refine_ls_shell.R_factor_R_work                  ? 
_refine_ls_shell.percent_reflns_obs               100.00 
_refine_ls_shell.R_factor_R_free                  0.2610 
_refine_ls_shell.R_factor_R_free_error            ? 
_refine_ls_shell.percent_reflns_R_free            10.00 
_refine_ls_shell.number_reflns_R_free             ? 
_refine_ls_shell.number_reflns_all                ? 
_refine_ls_shell.R_factor_all                     ? 
# 
_struct.entry_id                  316D 
_struct.title                     'Selectivity of F8-actinomycin D for RNA:DNA hybrids and its anti-leukemia activity' 
_struct.pdbx_model_details        ? 
_struct.pdbx_CASP_flag            ? 
_struct.pdbx_model_type_details   ? 
# 
_struct_keywords.entry_id        316D 
_struct_keywords.pdbx_keywords   DNA/ANTIBIOTIC 
_struct_keywords.text            
'ACTINOMYCIN D, ACTINOMYCIN, F8-ACTINOMYCIN, ANTI CANCER, ANTITUMOR, CHROMOPHORE, DEPSIPEPTIDE, DNA-ANTIBIOTIC COMPLEX, ANTIBIOTIC' 
# 
loop_
_struct_asym.id 
_struct_asym.pdbx_blank_PDB_chainid_flag 
_struct_asym.pdbx_modified 
_struct_asym.entity_id 
_struct_asym.details 
A N N 1 ? 
B N N 1 ? 
C N N 2 ? 
# 
loop_
_struct_ref.id 
_struct_ref.db_name 
_struct_ref.db_code 
_struct_ref.entity_id 
_struct_ref.pdbx_seq_one_letter_code 
_struct_ref.pdbx_align_begin 
_struct_ref.pdbx_db_accession 
_struct_ref.pdbx_db_isoform 
1 PDB 316D     1 ? ? 316D     ? 
2 NOR NOR00228 2 ? ? NOR00228 ? 
# 
loop_
_struct_ref_seq.align_id 
_struct_ref_seq.ref_id 
_struct_ref_seq.pdbx_PDB_id_code 
_struct_ref_seq.pdbx_strand_id 
_struct_ref_seq.seq_align_beg 
_struct_ref_seq.pdbx_seq_align_beg_ins_code 
_struct_ref_seq.seq_align_end 
_struct_ref_seq.pdbx_seq_align_end_ins_code 
_struct_ref_seq.pdbx_db_accession 
_struct_ref_seq.db_align_beg 
_struct_ref_seq.pdbx_db_align_beg_ins_code 
_struct_ref_seq.db_align_end 
_struct_ref_seq.pdbx_db_align_end_ins_code 
_struct_ref_seq.pdbx_auth_seq_align_beg 
_struct_ref_seq.pdbx_auth_seq_align_end 
1 1 316D A 1 ? 8  ? 316D     1 ? 8  ? 1 8  
2 1 316D B 1 ? 8  ? 316D     9 ? 16 ? 9 16 
3 2 316D C 1 ? 11 ? NOR00228 1 ? 11 ? 1 11 
# 
_struct_ref_seq_dif.align_id                     3 
_struct_ref_seq_dif.pdbx_pdb_id_code             316D 
_struct_ref_seq_dif.mon_id                       PXF 
_struct_ref_seq_dif.pdbx_pdb_strand_id           C 
_struct_ref_seq_dif.seq_num                      6 
_struct_ref_seq_dif.pdbx_pdb_ins_code            ? 
_struct_ref_seq_dif.pdbx_seq_db_name             NOR 
_struct_ref_seq_dif.pdbx_seq_db_accession_code   NOR00228 
_struct_ref_seq_dif.db_mon_id                    PXZ 
_struct_ref_seq_dif.pdbx_seq_db_seq_num          6 
_struct_ref_seq_dif.details                      chromophore 
_struct_ref_seq_dif.pdbx_auth_seq_num            6 
_struct_ref_seq_dif.pdbx_ordinal                 1 
# 
_pdbx_struct_assembly.id                   1 
_pdbx_struct_assembly.details              author_defined_assembly 
_pdbx_struct_assembly.method_details       ? 
_pdbx_struct_assembly.oligomeric_details   trimeric 
_pdbx_struct_assembly.oligomeric_count     3 
# 
_pdbx_struct_assembly_gen.assembly_id       1 
_pdbx_struct_assembly_gen.oper_expression   1 
_pdbx_struct_assembly_gen.asym_id_list      A,B,C 
# 
_pdbx_struct_oper_list.id                   1 
_pdbx_struct_oper_list.type                 'identity operation' 
_pdbx_struct_oper_list.name                 1_555 
_pdbx_struct_oper_list.symmetry_operation   x,y,z 
_pdbx_struct_oper_list.matrix[1][1]         1.0000000000 
_pdbx_struct_oper_list.matrix[1][2]         0.0000000000 
_pdbx_struct_oper_list.matrix[1][3]         0.0000000000 
_pdbx_struct_oper_list.vector[1]            0.0000000000 
_pdbx_struct_oper_list.matrix[2][1]         0.0000000000 
_pdbx_struct_oper_list.matrix[2][2]         1.0000000000 
_pdbx_struct_oper_list.matrix[2][3]         0.0000000000 
_pdbx_struct_oper_list.vector[2]            0.0000000000 
_pdbx_struct_oper_list.matrix[3][1]         0.0000000000 
_pdbx_struct_oper_list.matrix[3][2]         0.0000000000 
_pdbx_struct_oper_list.matrix[3][3]         1.0000000000 
_pdbx_struct_oper_list.vector[3]            0.0000000000 
# 
_struct_biol.id   1 
# 
loop_
_struct_conn.id 
_struct_conn.conn_type_id 
_struct_conn.pdbx_leaving_atom_flag 
_struct_conn.pdbx_PDB_id 
_struct_conn.ptnr1_label_asym_id 
_struct_conn.ptnr1_label_comp_id 
_struct_conn.ptnr1_label_seq_id 
_struct_conn.ptnr1_label_atom_id 
_struct_conn.pdbx_ptnr1_label_alt_id 
_struct_conn.pdbx_ptnr1_PDB_ins_code 
_struct_conn.pdbx_ptnr1_standard_comp_id 
_struct_conn.ptnr1_symmetry 
_struct_conn.ptnr2_label_asym_id 
_struct_conn.ptnr2_label_comp_id 
_struct_conn.ptnr2_label_seq_id 
_struct_conn.ptnr2_label_atom_id 
_struct_conn.pdbx_ptnr2_label_alt_id 
_struct_conn.pdbx_ptnr2_PDB_ins_code 
_struct_conn.ptnr1_auth_asym_id 
_struct_conn.ptnr1_auth_comp_id 
_struct_conn.ptnr1_auth_seq_id 
_struct_conn.ptnr2_auth_asym_id 
_struct_conn.ptnr2_auth_comp_id 
_struct_conn.ptnr2_auth_seq_id 
_struct_conn.ptnr2_symmetry 
_struct_conn.pdbx_ptnr3_label_atom_id 
_struct_conn.pdbx_ptnr3_label_seq_id 
_struct_conn.pdbx_ptnr3_label_comp_id 
_struct_conn.pdbx_ptnr3_label_asym_id 
_struct_conn.pdbx_ptnr3_label_alt_id 
_struct_conn.pdbx_ptnr3_PDB_ins_code 
_struct_conn.details 
_struct_conn.pdbx_dist_value 
_struct_conn.pdbx_value_order 
_struct_conn.pdbx_role 
covale1  covale both ? C THR 1  C     ? ? ? 1_555 C DVA 2  N  ? ? C THR 1  C DVA 2  1_555 ? ? ? ? ? ? ?            1.332 ? ? 
covale2  covale one  ? C THR 1  OG1   ? ? ? 1_555 C MVA 5  C  ? ? C THR 1  C MVA 5  1_555 ? ? ? ? ? ? ?            1.389 ? ? 
covale3  covale both ? C THR 1  N     ? ? ? 1_555 C PXF 6  C0 ? ? C THR 1  C PXF 6  1_555 ? ? ? ? ? ? ?            1.335 ? ? 
covale4  covale both ? C DVA 2  C     ? ? ? 1_555 C PRO 3  N  ? ? C DVA 2  C PRO 3  1_555 ? ? ? ? ? ? ?            1.342 ? ? 
covale5  covale both ? C PRO 3  C     ? ? ? 1_555 C SAR 4  N  ? ? C PRO 3  C SAR 4  1_555 ? ? ? ? ? ? ?            1.346 ? ? 
covale6  covale both ? C SAR 4  C     ? ? ? 1_555 C MVA 5  N  ? ? C SAR 4  C MVA 5  1_555 ? ? ? ? ? ? ?            1.347 ? ? 
covale7  covale both ? C PXF 6  "C0'" ? ? ? 1_555 C THR 7  N  ? ? C PXF 6  C THR 7  1_555 ? ? ? ? ? ? ?            1.347 ? ? 
covale8  covale both ? C THR 7  C     ? ? ? 1_555 C DVA 8  N  ? ? C THR 7  C DVA 8  1_555 ? ? ? ? ? ? ?            1.329 ? ? 
covale9  covale one  ? C THR 7  OG1   ? ? ? 1_555 C MVA 11 C  ? ? C THR 7  C MVA 11 1_555 ? ? ? ? ? ? ?            1.388 ? ? 
covale10 covale both ? C DVA 8  C     ? ? ? 1_555 C PRO 9  N  ? ? C DVA 8  C PRO 9  1_555 ? ? ? ? ? ? ?            1.341 ? ? 
covale11 covale both ? C PRO 9  C     ? ? ? 1_555 C SAR 10 N  ? ? C PRO 9  C SAR 10 1_555 ? ? ? ? ? ? ?            1.344 ? ? 
covale12 covale both ? C SAR 10 C     ? ? ? 1_555 C MVA 11 N  ? ? C SAR 10 C MVA 11 1_555 ? ? ? ? ? ? ?            1.350 ? ? 
hydrog1  hydrog ?    ? A DG  1  N1    ? ? ? 1_555 B DC  8  N3 ? ? A DG  1  B DC  16 1_555 ? ? ? ? ? ? WATSON-CRICK ?     ? ? 
hydrog2  hydrog ?    ? A DG  1  N2    ? ? ? 1_555 B DC  8  O2 ? ? A DG  1  B DC  16 1_555 ? ? ? ? ? ? WATSON-CRICK ?     ? ? 
hydrog3  hydrog ?    ? A DG  1  O6    ? ? ? 1_555 B DC  8  N4 ? ? A DG  1  B DC  16 1_555 ? ? ? ? ? ? WATSON-CRICK ?     ? ? 
hydrog4  hydrog ?    ? A DA  2  N1    ? ? ? 1_555 B DT  7  N3 ? ? A DA  2  B DT  15 1_555 ? ? ? ? ? ? WATSON-CRICK ?     ? ? 
hydrog5  hydrog ?    ? A DA  2  N6    ? ? ? 1_555 B DT  7  O4 ? ? A DA  2  B DT  15 1_555 ? ? ? ? ? ? WATSON-CRICK ?     ? ? 
hydrog6  hydrog ?    ? A DA  3  N1    ? ? ? 1_555 B DT  6  N3 ? ? A DA  3  B DT  14 1_555 ? ? ? ? ? ? WATSON-CRICK ?     ? ? 
hydrog7  hydrog ?    ? A DA  3  N6    ? ? ? 1_555 B DT  6  O4 ? ? A DA  3  B DT  14 1_555 ? ? ? ? ? ? WATSON-CRICK ?     ? ? 
hydrog8  hydrog ?    ? A DG  4  N1    ? ? ? 1_555 B DC  5  N3 ? ? A DG  4  B DC  13 1_555 ? ? ? ? ? ? WATSON-CRICK ?     ? ? 
hydrog9  hydrog ?    ? A DG  4  N2    ? ? ? 1_555 B DC  5  O2 ? ? A DG  4  B DC  13 1_555 ? ? ? ? ? ? WATSON-CRICK ?     ? ? 
hydrog10 hydrog ?    ? A DG  4  O6    ? ? ? 1_555 B DC  5  N4 ? ? A DG  4  B DC  13 1_555 ? ? ? ? ? ? WATSON-CRICK ?     ? ? 
hydrog11 hydrog ?    ? A DC  5  N3    ? ? ? 1_555 B DG  4  N1 ? ? A DC  5  B DG  12 1_555 ? ? ? ? ? ? WATSON-CRICK ?     ? ? 
hydrog12 hydrog ?    ? A DC  5  N4    ? ? ? 1_555 B DG  4  O6 ? ? A DC  5  B DG  12 1_555 ? ? ? ? ? ? WATSON-CRICK ?     ? ? 
hydrog13 hydrog ?    ? A DC  5  O2    ? ? ? 1_555 B DG  4  N2 ? ? A DC  5  B DG  12 1_555 ? ? ? ? ? ? WATSON-CRICK ?     ? ? 
hydrog14 hydrog ?    ? A DT  6  N3    ? ? ? 1_555 B DA  3  N1 ? ? A DT  6  B DA  11 1_555 ? ? ? ? ? ? WATSON-CRICK ?     ? ? 
hydrog15 hydrog ?    ? A DT  6  O4    ? ? ? 1_555 B DA  3  N6 ? ? A DT  6  B DA  11 1_555 ? ? ? ? ? ? WATSON-CRICK ?     ? ? 
hydrog16 hydrog ?    ? A DT  7  N3    ? ? ? 1_555 B DA  2  N1 ? ? A DT  7  B DA  10 1_555 ? ? ? ? ? ? WATSON-CRICK ?     ? ? 
hydrog17 hydrog ?    ? A DT  7  O4    ? ? ? 1_555 B DA  2  N6 ? ? A DT  7  B DA  10 1_555 ? ? ? ? ? ? WATSON-CRICK ?     ? ? 
hydrog18 hydrog ?    ? A DC  8  N3    ? ? ? 1_555 B DG  1  N1 ? ? A DC  8  B DG  9  1_555 ? ? ? ? ? ? WATSON-CRICK ?     ? ? 
hydrog19 hydrog ?    ? A DC  8  N4    ? ? ? 1_555 B DG  1  O6 ? ? A DC  8  B DG  9  1_555 ? ? ? ? ? ? WATSON-CRICK ?     ? ? 
hydrog20 hydrog ?    ? A DC  8  O2    ? ? ? 1_555 B DG  1  N2 ? ? A DC  8  B DG  9  1_555 ? ? ? ? ? ? WATSON-CRICK ?     ? ? 
# 
loop_
_struct_conn_type.id 
_struct_conn_type.criteria 
_struct_conn_type.reference 
covale ? ? 
hydrog ? ? 
# 
loop_
_pdbx_modification_feature.ordinal 
_pdbx_modification_feature.label_comp_id 
_pdbx_modification_feature.label_asym_id 
_pdbx_modification_feature.label_seq_id 
_pdbx_modification_feature.label_alt_id 
_pdbx_modification_feature.modified_residue_label_comp_id 
_pdbx_modification_feature.modified_residue_label_asym_id 
_pdbx_modification_feature.modified_residue_label_seq_id 
_pdbx_modification_feature.modified_residue_label_alt_id 
_pdbx_modification_feature.auth_comp_id 
_pdbx_modification_feature.auth_asym_id 
_pdbx_modification_feature.auth_seq_id 
_pdbx_modification_feature.PDB_ins_code 
_pdbx_modification_feature.symmetry 
_pdbx_modification_feature.modified_residue_auth_comp_id 
_pdbx_modification_feature.modified_residue_auth_asym_id 
_pdbx_modification_feature.modified_residue_auth_seq_id 
_pdbx_modification_feature.modified_residue_PDB_ins_code 
_pdbx_modification_feature.modified_residue_symmetry 
_pdbx_modification_feature.comp_id_linking_atom 
_pdbx_modification_feature.modified_residue_id_linking_atom 
_pdbx_modification_feature.modified_residue_id 
_pdbx_modification_feature.ref_pcm_id 
_pdbx_modification_feature.ref_comp_id 
_pdbx_modification_feature.type 
_pdbx_modification_feature.category 
1 SAR C 4  ? .   . .  . SAR C 4  ? 1_555 .   . .  . .     .   .  GLY 1 SAR Methylation 'Named protein modification' 
2 MVA C 5  ? .   . .  . MVA C 5  ? 1_555 .   . .  . .     .   .  VAL 1 MVA Methylation 'Named protein modification' 
3 SAR C 10 ? .   . .  . SAR C 10 ? 1_555 .   . .  . .     .   .  GLY 1 SAR Methylation 'Named protein modification' 
4 MVA C 11 ? .   . .  . MVA C 11 ? 1_555 .   . .  . .     .   .  VAL 1 MVA Methylation 'Named protein modification' 
5 PXF C 6  ? .   . .  . PXF C 6  ? 1_555 .   . .  . .     .   .  ?   1 PXF None        'Non-standard residue'       
6 THR C 1  ? MVA C 5  ? THR C 1  ? 1_555 MVA C 5  ? 1_555 OG1 C  .   . .   None        'Non-standard linkage'       
7 THR C 1  ? PXF C 6  ? THR C 1  ? 1_555 PXF C 6  ? 1_555 N   C0 .   . .   None        'Non-standard linkage'       
8 THR C 7  ? MVA C 11 ? THR C 7  ? 1_555 MVA C 11 ? 1_555 OG1 C  .   . .   None        'Non-standard linkage'       
# 
loop_
_struct_mon_prot_cis.pdbx_id 
_struct_mon_prot_cis.label_comp_id 
_struct_mon_prot_cis.label_seq_id 
_struct_mon_prot_cis.label_asym_id 
_struct_mon_prot_cis.label_alt_id 
_struct_mon_prot_cis.pdbx_PDB_ins_code 
_struct_mon_prot_cis.auth_comp_id 
_struct_mon_prot_cis.auth_seq_id 
_struct_mon_prot_cis.auth_asym_id 
_struct_mon_prot_cis.pdbx_label_comp_id_2 
_struct_mon_prot_cis.pdbx_label_seq_id_2 
_struct_mon_prot_cis.pdbx_label_asym_id_2 
_struct_mon_prot_cis.pdbx_PDB_ins_code_2 
_struct_mon_prot_cis.pdbx_auth_comp_id_2 
_struct_mon_prot_cis.pdbx_auth_seq_id_2 
_struct_mon_prot_cis.pdbx_auth_asym_id_2 
_struct_mon_prot_cis.pdbx_PDB_model_num 
_struct_mon_prot_cis.pdbx_omega_angle 
1 DVA 2 C . ? DVA 2 C PRO 3  C ? PRO 3  C 1 1.84  
2 PRO 3 C . ? PRO 3 C SAR 4  C ? SAR 4  C 1 1.27  
3 DVA 8 C . ? DVA 8 C PRO 9  C ? PRO 9  C 1 0.51  
4 PRO 9 C . ? PRO 9 C SAR 10 C ? SAR 10 C 1 -4.67 
# 
loop_
_struct_site.id 
_struct_site.pdbx_evidence_code 
_struct_site.pdbx_auth_asym_id 
_struct_site.pdbx_auth_comp_id 
_struct_site.pdbx_auth_seq_id 
_struct_site.pdbx_auth_ins_code 
_struct_site.pdbx_num_residues 
_struct_site.details 
AC1 Software ? ? ? ? 8 'BINDING SITE FOR CHAIN C OF 8-FLUORO-ACTINOMYCIN D' 
1   ?        ? ? ? ? ? ?                                                    
# 
loop_
_struct_site_gen.id 
_struct_site_gen.site_id 
_struct_site_gen.pdbx_num_res 
_struct_site_gen.label_comp_id 
_struct_site_gen.label_asym_id 
_struct_site_gen.label_seq_id 
_struct_site_gen.pdbx_auth_ins_code 
_struct_site_gen.auth_comp_id 
_struct_site_gen.auth_asym_id 
_struct_site_gen.auth_seq_id 
_struct_site_gen.label_atom_id 
_struct_site_gen.label_alt_id 
_struct_site_gen.symmetry 
_struct_site_gen.details 
1 AC1 8 DG A 4 ? DG A 4  . ? 1_555 ? 
2 AC1 8 DC A 5 ? DC A 5  . ? 1_555 ? 
3 AC1 8 DT A 6 ? DT A 6  . ? 1_555 ? 
4 AC1 8 DA B 3 ? DA B 11 . ? 1_555 ? 
5 AC1 8 DG B 4 ? DG B 12 . ? 1_555 ? 
6 AC1 8 DC B 5 ? DC B 13 . ? 1_555 ? 
7 AC1 8 DT B 6 ? DT B 14 . ? 1_555 ? 
8 AC1 8 DT B 7 ? DT B 15 . ? 1_555 ? 
# 
_pdbx_entry_details.entry_id                   316D 
_pdbx_entry_details.compound_details           
;ACTINOMYCIN D IS A BICYCLIC PEPTIDE, A MEMBER OF THE                 
 ACTINOMYCIN FAMILY.                                                  
 HERE, ACTINOMYCIN D IS REPRESENTED BY THE SEQUENCE (SEQRES)
;
_pdbx_entry_details.source_details             ? 
_pdbx_entry_details.nonpolymer_details         ? 
_pdbx_entry_details.sequence_details           ? 
_pdbx_entry_details.has_ligand_of_interest     ? 
_pdbx_entry_details.has_protein_modification   Y 
# 
loop_
_pdbx_validate_rmsd_angle.id 
_pdbx_validate_rmsd_angle.PDB_model_num 
_pdbx_validate_rmsd_angle.auth_atom_id_1 
_pdbx_validate_rmsd_angle.auth_asym_id_1 
_pdbx_validate_rmsd_angle.auth_comp_id_1 
_pdbx_validate_rmsd_angle.auth_seq_id_1 
_pdbx_validate_rmsd_angle.PDB_ins_code_1 
_pdbx_validate_rmsd_angle.label_alt_id_1 
_pdbx_validate_rmsd_angle.auth_atom_id_2 
_pdbx_validate_rmsd_angle.auth_asym_id_2 
_pdbx_validate_rmsd_angle.auth_comp_id_2 
_pdbx_validate_rmsd_angle.auth_seq_id_2 
_pdbx_validate_rmsd_angle.PDB_ins_code_2 
_pdbx_validate_rmsd_angle.label_alt_id_2 
_pdbx_validate_rmsd_angle.auth_atom_id_3 
_pdbx_validate_rmsd_angle.auth_asym_id_3 
_pdbx_validate_rmsd_angle.auth_comp_id_3 
_pdbx_validate_rmsd_angle.auth_seq_id_3 
_pdbx_validate_rmsd_angle.PDB_ins_code_3 
_pdbx_validate_rmsd_angle.label_alt_id_3 
_pdbx_validate_rmsd_angle.angle_value 
_pdbx_validate_rmsd_angle.angle_target_value 
_pdbx_validate_rmsd_angle.angle_deviation 
_pdbx_validate_rmsd_angle.angle_standard_deviation 
_pdbx_validate_rmsd_angle.linker_flag 
1  1 "O4'" A DG 1  ? ? "C1'" A DG 1  ? ? N9    A DG 1  ? ? 111.41 108.30 3.11  0.30 N 
2  1 P     A DA 2  ? ? "O5'" A DA 2  ? ? "C5'" A DA 2  ? ? 131.81 120.90 10.91 1.60 N 
3  1 "O4'" A DA 2  ? ? "C1'" A DA 2  ? ? N9    A DA 2  ? ? 110.23 108.30 1.93  0.30 N 
4  1 "C4'" A DG 4  ? ? "C3'" A DG 4  ? ? "C2'" A DG 4  ? ? 95.32  102.20 -6.88 0.70 N 
5  1 "O4'" A DG 4  ? ? "C1'" A DG 4  ? ? N9    A DG 4  ? ? 114.94 108.30 6.64  0.30 N 
6  1 "O4'" A DC 5  ? ? "C1'" A DC 5  ? ? N1    A DC 5  ? ? 114.01 108.30 5.71  0.30 N 
7  1 "O4'" A DT 6  ? ? "C1'" A DT 6  ? ? N1    A DT 6  ? ? 111.60 108.30 3.30  0.30 N 
8  1 C6    A DT 6  ? ? C5    A DT 6  ? ? C7    A DT 6  ? ? 118.55 122.90 -4.35 0.60 N 
9  1 "O4'" A DC 8  ? ? "C1'" A DC 8  ? ? N1    A DC 8  ? ? 111.55 108.30 3.25  0.30 N 
10 1 N1    A DC 8  ? ? C2    A DC 8  ? ? O2    A DC 8  ? ? 122.63 118.90 3.73  0.60 N 
11 1 "O4'" B DG 9  ? ? "C1'" B DG 9  ? ? N9    B DG 9  ? ? 110.11 108.30 1.81  0.30 N 
12 1 "C3'" B DG 9  ? ? "O3'" B DG 9  ? ? P     B DA 10 ? ? 128.25 119.70 8.55  1.20 Y 
13 1 "O4'" B DA 10 ? ? "C1'" B DA 10 ? ? N9    B DA 10 ? ? 111.97 108.30 3.67  0.30 N 
14 1 "C3'" B DA 10 ? ? "O3'" B DA 10 ? ? P     B DA 11 ? ? 132.04 119.70 12.34 1.20 Y 
15 1 "O4'" B DA 11 ? ? "C1'" B DA 11 ? ? N9    B DA 11 ? ? 111.49 108.30 3.19  0.30 N 
16 1 "O4'" B DG 12 ? ? "C1'" B DG 12 ? ? N9    B DG 12 ? ? 110.77 108.30 2.47  0.30 N 
17 1 "C3'" B DG 12 ? ? "O3'" B DG 12 ? ? P     B DC 13 ? ? 130.58 119.70 10.88 1.20 Y 
18 1 "O4'" B DC 13 ? ? "C1'" B DC 13 ? ? N1    B DC 13 ? ? 116.76 108.30 8.46  0.30 N 
19 1 N1    B DC 13 ? ? C2    B DC 13 ? ? O2    B DC 13 ? ? 123.08 118.90 4.18  0.60 N 
20 1 "O4'" B DT 14 ? ? "C1'" B DT 14 ? ? N1    B DT 14 ? ? 112.59 108.30 4.29  0.30 N 
21 1 N3    B DT 14 ? ? C2    B DT 14 ? ? O2    B DT 14 ? ? 118.24 122.30 -4.06 0.60 N 
22 1 C6    B DT 14 ? ? C5    B DT 14 ? ? C7    B DT 14 ? ? 118.80 122.90 -4.10 0.60 N 
23 1 "C4'" B DT 15 ? ? "C3'" B DT 15 ? ? "C2'" B DT 15 ? ? 97.70  102.20 -4.50 0.70 N 
24 1 "O4'" B DT 15 ? ? "C1'" B DT 15 ? ? N1    B DT 15 ? ? 110.18 108.30 1.88  0.30 N 
25 1 C6    B DT 15 ? ? C5    B DT 15 ? ? C7    B DT 15 ? ? 119.10 122.90 -3.80 0.60 N 
26 1 "C1'" B DC 16 ? ? "O4'" B DC 16 ? ? "C4'" B DC 16 ? ? 103.96 110.10 -6.14 1.00 N 
27 1 "O4'" B DC 16 ? ? "C1'" B DC 16 ? ? N1    B DC 16 ? ? 111.05 108.30 2.75  0.30 N 
# 
_pdbx_validate_planes.id              1 
_pdbx_validate_planes.PDB_model_num   1 
_pdbx_validate_planes.auth_comp_id    DG 
_pdbx_validate_planes.auth_asym_id    B 
_pdbx_validate_planes.auth_seq_id     12 
_pdbx_validate_planes.PDB_ins_code    ? 
_pdbx_validate_planes.label_alt_id    ? 
_pdbx_validate_planes.rmsd            0.065 
_pdbx_validate_planes.type            'SIDE CHAIN' 
# 
_pdbx_molecule_features.prd_id    PRD_000006 
_pdbx_molecule_features.name      '8-Fluoro-Actinomycin D' 
_pdbx_molecule_features.type      Polypeptide 
_pdbx_molecule_features.class     Antibiotic 
_pdbx_molecule_features.details   
;ACTINOMYCIN D CONSISTS OF TWO PENTAMER                
 RINGS LINKED BY THE CHROMOPHORE (PXF)                 
 THE CHROMOPHORE PXF IS A MODIFIED PXZ WITH            
 C-F REPLACING C-H IN POSITION 8 OF THE                
 PHENOXAZONE RING.
;
# 
_pdbx_molecule.instance_id   1 
_pdbx_molecule.prd_id        PRD_000006 
_pdbx_molecule.asym_id       C 
# 
_struct_site_keywords.site_id   1 
_struct_site_keywords.text      'INTERCALATION, GROOVE BINDER' 
# 
_refine_B_iso.class            'ALL ATOMS' 
_refine_B_iso.details          TR 
_refine_B_iso.treatment        isotropic 
_refine_B_iso.pdbx_refine_id   'X-RAY DIFFRACTION' 
# 
_refine_occupancy.class            'ALL ATOMS' 
_refine_occupancy.treatment        fix 
_refine_occupancy.pdbx_refine_id   'X-RAY DIFFRACTION' 
# 
loop_
_chem_comp_atom.comp_id 
_chem_comp_atom.atom_id 
_chem_comp_atom.type_symbol 
_chem_comp_atom.pdbx_aromatic_flag 
_chem_comp_atom.pdbx_stereo_config 
_chem_comp_atom.pdbx_ordinal 
DA  OP3    O N N 1   
DA  P      P N N 2   
DA  OP1    O N N 3   
DA  OP2    O N N 4   
DA  "O5'"  O N N 5   
DA  "C5'"  C N N 6   
DA  "C4'"  C N R 7   
DA  "O4'"  O N N 8   
DA  "C3'"  C N S 9   
DA  "O3'"  O N N 10  
DA  "C2'"  C N N 11  
DA  "C1'"  C N R 12  
DA  N9     N Y N 13  
DA  C8     C Y N 14  
DA  N7     N Y N 15  
DA  C5     C Y N 16  
DA  C6     C Y N 17  
DA  N6     N N N 18  
DA  N1     N Y N 19  
DA  C2     C Y N 20  
DA  N3     N Y N 21  
DA  C4     C Y N 22  
DA  HOP3   H N N 23  
DA  HOP2   H N N 24  
DA  "H5'"  H N N 25  
DA  "H5''" H N N 26  
DA  "H4'"  H N N 27  
DA  "H3'"  H N N 28  
DA  "HO3'" H N N 29  
DA  "H2'"  H N N 30  
DA  "H2''" H N N 31  
DA  "H1'"  H N N 32  
DA  H8     H N N 33  
DA  H61    H N N 34  
DA  H62    H N N 35  
DA  H2     H N N 36  
DC  OP3    O N N 37  
DC  P      P N N 38  
DC  OP1    O N N 39  
DC  OP2    O N N 40  
DC  "O5'"  O N N 41  
DC  "C5'"  C N N 42  
DC  "C4'"  C N R 43  
DC  "O4'"  O N N 44  
DC  "C3'"  C N S 45  
DC  "O3'"  O N N 46  
DC  "C2'"  C N N 47  
DC  "C1'"  C N R 48  
DC  N1     N N N 49  
DC  C2     C N N 50  
DC  O2     O N N 51  
DC  N3     N N N 52  
DC  C4     C N N 53  
DC  N4     N N N 54  
DC  C5     C N N 55  
DC  C6     C N N 56  
DC  HOP3   H N N 57  
DC  HOP2   H N N 58  
DC  "H5'"  H N N 59  
DC  "H5''" H N N 60  
DC  "H4'"  H N N 61  
DC  "H3'"  H N N 62  
DC  "HO3'" H N N 63  
DC  "H2'"  H N N 64  
DC  "H2''" H N N 65  
DC  "H1'"  H N N 66  
DC  H41    H N N 67  
DC  H42    H N N 68  
DC  H5     H N N 69  
DC  H6     H N N 70  
DG  OP3    O N N 71  
DG  P      P N N 72  
DG  OP1    O N N 73  
DG  OP2    O N N 74  
DG  "O5'"  O N N 75  
DG  "C5'"  C N N 76  
DG  "C4'"  C N R 77  
DG  "O4'"  O N N 78  
DG  "C3'"  C N S 79  
DG  "O3'"  O N N 80  
DG  "C2'"  C N N 81  
DG  "C1'"  C N R 82  
DG  N9     N Y N 83  
DG  C8     C Y N 84  
DG  N7     N Y N 85  
DG  C5     C Y N 86  
DG  C6     C N N 87  
DG  O6     O N N 88  
DG  N1     N N N 89  
DG  C2     C N N 90  
DG  N2     N N N 91  
DG  N3     N N N 92  
DG  C4     C Y N 93  
DG  HOP3   H N N 94  
DG  HOP2   H N N 95  
DG  "H5'"  H N N 96  
DG  "H5''" H N N 97  
DG  "H4'"  H N N 98  
DG  "H3'"  H N N 99  
DG  "HO3'" H N N 100 
DG  "H2'"  H N N 101 
DG  "H2''" H N N 102 
DG  "H1'"  H N N 103 
DG  H8     H N N 104 
DG  H1     H N N 105 
DG  H21    H N N 106 
DG  H22    H N N 107 
DT  OP3    O N N 108 
DT  P      P N N 109 
DT  OP1    O N N 110 
DT  OP2    O N N 111 
DT  "O5'"  O N N 112 
DT  "C5'"  C N N 113 
DT  "C4'"  C N R 114 
DT  "O4'"  O N N 115 
DT  "C3'"  C N S 116 
DT  "O3'"  O N N 117 
DT  "C2'"  C N N 118 
DT  "C1'"  C N R 119 
DT  N1     N N N 120 
DT  C2     C N N 121 
DT  O2     O N N 122 
DT  N3     N N N 123 
DT  C4     C N N 124 
DT  O4     O N N 125 
DT  C5     C N N 126 
DT  C7     C N N 127 
DT  C6     C N N 128 
DT  HOP3   H N N 129 
DT  HOP2   H N N 130 
DT  "H5'"  H N N 131 
DT  "H5''" H N N 132 
DT  "H4'"  H N N 133 
DT  "H3'"  H N N 134 
DT  "HO3'" H N N 135 
DT  "H2'"  H N N 136 
DT  "H2''" H N N 137 
DT  "H1'"  H N N 138 
DT  H3     H N N 139 
DT  H71    H N N 140 
DT  H72    H N N 141 
DT  H73    H N N 142 
DT  H6     H N N 143 
DVA N      N N N 144 
DVA CA     C N R 145 
DVA CB     C N N 146 
DVA CG1    C N N 147 
DVA CG2    C N N 148 
DVA C      C N N 149 
DVA O      O N N 150 
DVA OXT    O N N 151 
DVA H      H N N 152 
DVA H2     H N N 153 
DVA HA     H N N 154 
DVA HB     H N N 155 
DVA HG11   H N N 156 
DVA HG12   H N N 157 
DVA HG13   H N N 158 
DVA HG21   H N N 159 
DVA HG22   H N N 160 
DVA HG23   H N N 161 
DVA HXT    H N N 162 
MVA N      N N N 163 
MVA CN     C N N 164 
MVA CA     C N S 165 
MVA CB     C N N 166 
MVA CG1    C N N 167 
MVA CG2    C N N 168 
MVA C      C N N 169 
MVA O      O N N 170 
MVA OXT    O N N 171 
MVA H      H N N 172 
MVA HN1    H N N 173 
MVA HN2    H N N 174 
MVA HN3    H N N 175 
MVA HA     H N N 176 
MVA HB     H N N 177 
MVA HG11   H N N 178 
MVA HG12   H N N 179 
MVA HG13   H N N 180 
MVA HG21   H N N 181 
MVA HG22   H N N 182 
MVA HG23   H N N 183 
MVA HXT    H N N 184 
PRO N      N N N 185 
PRO CA     C N S 186 
PRO C      C N N 187 
PRO O      O N N 188 
PRO CB     C N N 189 
PRO CG     C N N 190 
PRO CD     C N N 191 
PRO OXT    O N N 192 
PRO H      H N N 193 
PRO HA     H N N 194 
PRO HB2    H N N 195 
PRO HB3    H N N 196 
PRO HG2    H N N 197 
PRO HG3    H N N 198 
PRO HD2    H N N 199 
PRO HD3    H N N 200 
PRO HXT    H N N 201 
PXF C1     C N N 202 
PXF C0     C N N 203 
PXF O1     O N N 204 
PXF C2     C N N 205 
PXF N2     N N N 206 
PXF C3     C N N 207 
PXF O3     O N N 208 
PXF C4     C N N 209 
PXF O5     O N N 210 
PXF C6     C Y N 211 
PXF C7     C Y N 212 
PXF C8     C Y N 213 
PXF F8     F N N 214 
PXF C9     C Y N 215 
PXF "C0'"  C N N 216 
PXF "O1'"  O N N 217 
PXF N10    N N N 218 
PXF C11    C N N 219 
PXF C12    C N N 220 
PXF C13    C Y N 221 
PXF C14    C Y N 222 
PXF C15    C N N 223 
PXF C16    C N N 224 
PXF HN21   H N N 225 
PXF HN22   H N N 226 
PXF H7     H N N 227 
PXF H151   H N N 228 
PXF H152   H N N 229 
PXF H153   H N N 230 
PXF H161   H N N 231 
PXF H162   H N N 232 
PXF H163   H N N 233 
PXF "OXT'" O N N 234 
PXF OXT    O N N 235 
PXF "HXT'" H N N 236 
PXF HXT    H N N 237 
PXZ C1     C N N 238 
PXZ C0     C N N 239 
PXZ O1     O N N 240 
PXZ C2     C N N 241 
PXZ N2     N N N 242 
PXZ C3     C N N 243 
PXZ O3     O N N 244 
PXZ C4     C N N 245 
PXZ O5     O N N 246 
PXZ C6     C Y N 247 
PXZ C7     C Y N 248 
PXZ C8     C Y N 249 
PXZ C9     C Y N 250 
PXZ "C0'"  C N N 251 
PXZ "O1'"  O N N 252 
PXZ N10    N N N 253 
PXZ C11    C N N 254 
PXZ C12    C N N 255 
PXZ C13    C Y N 256 
PXZ C14    C Y N 257 
PXZ C15    C N N 258 
PXZ C16    C N N 259 
PXZ HN21   H N N 260 
PXZ HN22   H N N 261 
PXZ H7     H N N 262 
PXZ H8     H N N 263 
PXZ H151   H N N 264 
PXZ H152   H N N 265 
PXZ H153   H N N 266 
PXZ H161   H N N 267 
PXZ H162   H N N 268 
PXZ H163   H N N 269 
PXZ "OXT'" O N N 270 
PXZ OXT    O N N 271 
PXZ "HXT'" H N N 272 
PXZ HXT    H N N 273 
SAR N      N N N 274 
SAR CA     C N N 275 
SAR C      C N N 276 
SAR O      O N N 277 
SAR CN     C N N 278 
SAR OXT    O N N 279 
SAR H      H N N 280 
SAR HA2    H N N 281 
SAR HA3    H N N 282 
SAR HN1    H N N 283 
SAR HN2    H N N 284 
SAR HN3    H N N 285 
SAR HXT    H N N 286 
THR N      N N N 287 
THR CA     C N S 288 
THR C      C N N 289 
THR O      O N N 290 
THR CB     C N R 291 
THR OG1    O N N 292 
THR CG2    C N N 293 
THR OXT    O N N 294 
THR H      H N N 295 
THR H2     H N N 296 
THR HA     H N N 297 
THR HB     H N N 298 
THR HG1    H N N 299 
THR HG21   H N N 300 
THR HG22   H N N 301 
THR HG23   H N N 302 
THR HXT    H N N 303 
# 
loop_
_chem_comp_bond.comp_id 
_chem_comp_bond.atom_id_1 
_chem_comp_bond.atom_id_2 
_chem_comp_bond.value_order 
_chem_comp_bond.pdbx_aromatic_flag 
_chem_comp_bond.pdbx_stereo_config 
_chem_comp_bond.pdbx_ordinal 
DA  OP3    P      sing N N 1   
DA  OP3    HOP3   sing N N 2   
DA  P      OP1    doub N N 3   
DA  P      OP2    sing N N 4   
DA  P      "O5'"  sing N N 5   
DA  OP2    HOP2   sing N N 6   
DA  "O5'"  "C5'"  sing N N 7   
DA  "C5'"  "C4'"  sing N N 8   
DA  "C5'"  "H5'"  sing N N 9   
DA  "C5'"  "H5''" sing N N 10  
DA  "C4'"  "O4'"  sing N N 11  
DA  "C4'"  "C3'"  sing N N 12  
DA  "C4'"  "H4'"  sing N N 13  
DA  "O4'"  "C1'"  sing N N 14  
DA  "C3'"  "O3'"  sing N N 15  
DA  "C3'"  "C2'"  sing N N 16  
DA  "C3'"  "H3'"  sing N N 17  
DA  "O3'"  "HO3'" sing N N 18  
DA  "C2'"  "C1'"  sing N N 19  
DA  "C2'"  "H2'"  sing N N 20  
DA  "C2'"  "H2''" sing N N 21  
DA  "C1'"  N9     sing N N 22  
DA  "C1'"  "H1'"  sing N N 23  
DA  N9     C8     sing Y N 24  
DA  N9     C4     sing Y N 25  
DA  C8     N7     doub Y N 26  
DA  C8     H8     sing N N 27  
DA  N7     C5     sing Y N 28  
DA  C5     C6     sing Y N 29  
DA  C5     C4     doub Y N 30  
DA  C6     N6     sing N N 31  
DA  C6     N1     doub Y N 32  
DA  N6     H61    sing N N 33  
DA  N6     H62    sing N N 34  
DA  N1     C2     sing Y N 35  
DA  C2     N3     doub Y N 36  
DA  C2     H2     sing N N 37  
DA  N3     C4     sing Y N 38  
DC  OP3    P      sing N N 39  
DC  OP3    HOP3   sing N N 40  
DC  P      OP1    doub N N 41  
DC  P      OP2    sing N N 42  
DC  P      "O5'"  sing N N 43  
DC  OP2    HOP2   sing N N 44  
DC  "O5'"  "C5'"  sing N N 45  
DC  "C5'"  "C4'"  sing N N 46  
DC  "C5'"  "H5'"  sing N N 47  
DC  "C5'"  "H5''" sing N N 48  
DC  "C4'"  "O4'"  sing N N 49  
DC  "C4'"  "C3'"  sing N N 50  
DC  "C4'"  "H4'"  sing N N 51  
DC  "O4'"  "C1'"  sing N N 52  
DC  "C3'"  "O3'"  sing N N 53  
DC  "C3'"  "C2'"  sing N N 54  
DC  "C3'"  "H3'"  sing N N 55  
DC  "O3'"  "HO3'" sing N N 56  
DC  "C2'"  "C1'"  sing N N 57  
DC  "C2'"  "H2'"  sing N N 58  
DC  "C2'"  "H2''" sing N N 59  
DC  "C1'"  N1     sing N N 60  
DC  "C1'"  "H1'"  sing N N 61  
DC  N1     C2     sing N N 62  
DC  N1     C6     sing N N 63  
DC  C2     O2     doub N N 64  
DC  C2     N3     sing N N 65  
DC  N3     C4     doub N N 66  
DC  C4     N4     sing N N 67  
DC  C4     C5     sing N N 68  
DC  N4     H41    sing N N 69  
DC  N4     H42    sing N N 70  
DC  C5     C6     doub N N 71  
DC  C5     H5     sing N N 72  
DC  C6     H6     sing N N 73  
DG  OP3    P      sing N N 74  
DG  OP3    HOP3   sing N N 75  
DG  P      OP1    doub N N 76  
DG  P      OP2    sing N N 77  
DG  P      "O5'"  sing N N 78  
DG  OP2    HOP2   sing N N 79  
DG  "O5'"  "C5'"  sing N N 80  
DG  "C5'"  "C4'"  sing N N 81  
DG  "C5'"  "H5'"  sing N N 82  
DG  "C5'"  "H5''" sing N N 83  
DG  "C4'"  "O4'"  sing N N 84  
DG  "C4'"  "C3'"  sing N N 85  
DG  "C4'"  "H4'"  sing N N 86  
DG  "O4'"  "C1'"  sing N N 87  
DG  "C3'"  "O3'"  sing N N 88  
DG  "C3'"  "C2'"  sing N N 89  
DG  "C3'"  "H3'"  sing N N 90  
DG  "O3'"  "HO3'" sing N N 91  
DG  "C2'"  "C1'"  sing N N 92  
DG  "C2'"  "H2'"  sing N N 93  
DG  "C2'"  "H2''" sing N N 94  
DG  "C1'"  N9     sing N N 95  
DG  "C1'"  "H1'"  sing N N 96  
DG  N9     C8     sing Y N 97  
DG  N9     C4     sing Y N 98  
DG  C8     N7     doub Y N 99  
DG  C8     H8     sing N N 100 
DG  N7     C5     sing Y N 101 
DG  C5     C6     sing N N 102 
DG  C5     C4     doub Y N 103 
DG  C6     O6     doub N N 104 
DG  C6     N1     sing N N 105 
DG  N1     C2     sing N N 106 
DG  N1     H1     sing N N 107 
DG  C2     N2     sing N N 108 
DG  C2     N3     doub N N 109 
DG  N2     H21    sing N N 110 
DG  N2     H22    sing N N 111 
DG  N3     C4     sing N N 112 
DT  OP3    P      sing N N 113 
DT  OP3    HOP3   sing N N 114 
DT  P      OP1    doub N N 115 
DT  P      OP2    sing N N 116 
DT  P      "O5'"  sing N N 117 
DT  OP2    HOP2   sing N N 118 
DT  "O5'"  "C5'"  sing N N 119 
DT  "C5'"  "C4'"  sing N N 120 
DT  "C5'"  "H5'"  sing N N 121 
DT  "C5'"  "H5''" sing N N 122 
DT  "C4'"  "O4'"  sing N N 123 
DT  "C4'"  "C3'"  sing N N 124 
DT  "C4'"  "H4'"  sing N N 125 
DT  "O4'"  "C1'"  sing N N 126 
DT  "C3'"  "O3'"  sing N N 127 
DT  "C3'"  "C2'"  sing N N 128 
DT  "C3'"  "H3'"  sing N N 129 
DT  "O3'"  "HO3'" sing N N 130 
DT  "C2'"  "C1'"  sing N N 131 
DT  "C2'"  "H2'"  sing N N 132 
DT  "C2'"  "H2''" sing N N 133 
DT  "C1'"  N1     sing N N 134 
DT  "C1'"  "H1'"  sing N N 135 
DT  N1     C2     sing N N 136 
DT  N1     C6     sing N N 137 
DT  C2     O2     doub N N 138 
DT  C2     N3     sing N N 139 
DT  N3     C4     sing N N 140 
DT  N3     H3     sing N N 141 
DT  C4     O4     doub N N 142 
DT  C4     C5     sing N N 143 
DT  C5     C7     sing N N 144 
DT  C5     C6     doub N N 145 
DT  C7     H71    sing N N 146 
DT  C7     H72    sing N N 147 
DT  C7     H73    sing N N 148 
DT  C6     H6     sing N N 149 
DVA N      CA     sing N N 150 
DVA N      H      sing N N 151 
DVA N      H2     sing N N 152 
DVA CA     CB     sing N N 153 
DVA CA     C      sing N N 154 
DVA CA     HA     sing N N 155 
DVA CB     CG1    sing N N 156 
DVA CB     CG2    sing N N 157 
DVA CB     HB     sing N N 158 
DVA CG1    HG11   sing N N 159 
DVA CG1    HG12   sing N N 160 
DVA CG1    HG13   sing N N 161 
DVA CG2    HG21   sing N N 162 
DVA CG2    HG22   sing N N 163 
DVA CG2    HG23   sing N N 164 
DVA C      O      doub N N 165 
DVA C      OXT    sing N N 166 
DVA OXT    HXT    sing N N 167 
MVA N      CN     sing N N 168 
MVA N      CA     sing N N 169 
MVA N      H      sing N N 170 
MVA CN     HN1    sing N N 171 
MVA CN     HN2    sing N N 172 
MVA CN     HN3    sing N N 173 
MVA CA     CB     sing N N 174 
MVA CA     C      sing N N 175 
MVA CA     HA     sing N N 176 
MVA CB     CG1    sing N N 177 
MVA CB     CG2    sing N N 178 
MVA CB     HB     sing N N 179 
MVA CG1    HG11   sing N N 180 
MVA CG1    HG12   sing N N 181 
MVA CG1    HG13   sing N N 182 
MVA CG2    HG21   sing N N 183 
MVA CG2    HG22   sing N N 184 
MVA CG2    HG23   sing N N 185 
MVA C      O      doub N N 186 
MVA C      OXT    sing N N 187 
MVA OXT    HXT    sing N N 188 
PRO N      CA     sing N N 189 
PRO N      CD     sing N N 190 
PRO N      H      sing N N 191 
PRO CA     C      sing N N 192 
PRO CA     CB     sing N N 193 
PRO CA     HA     sing N N 194 
PRO C      O      doub N N 195 
PRO C      OXT    sing N N 196 
PRO CB     CG     sing N N 197 
PRO CB     HB2    sing N N 198 
PRO CB     HB3    sing N N 199 
PRO CG     CD     sing N N 200 
PRO CG     HG2    sing N N 201 
PRO CG     HG3    sing N N 202 
PRO CD     HD2    sing N N 203 
PRO CD     HD3    sing N N 204 
PRO OXT    HXT    sing N N 205 
PXF C1     C0     sing N N 206 
PXF C1     C2     doub N N 207 
PXF C1     C11    sing N N 208 
PXF C0     O1     doub N N 209 
PXF C2     N2     sing N N 210 
PXF C2     C3     sing N N 211 
PXF N2     HN21   sing N N 212 
PXF N2     HN22   sing N N 213 
PXF C3     O3     doub N N 214 
PXF C3     C4     sing N N 215 
PXF C4     C12    doub N N 216 
PXF C4     C15    sing N N 217 
PXF O5     C12    sing N N 218 
PXF O5     C13    sing N N 219 
PXF C6     C7     doub Y N 220 
PXF C6     C13    sing Y N 221 
PXF C6     C16    sing N N 222 
PXF C7     C8     sing Y N 223 
PXF C7     H7     sing N N 224 
PXF C8     F8     sing N N 225 
PXF C8     C9     doub Y N 226 
PXF C9     "C0'"  sing N N 227 
PXF C9     C14    sing Y N 228 
PXF "C0'"  "O1'"  doub N N 229 
PXF N10    C11    doub N N 230 
PXF N10    C14    sing N N 231 
PXF C11    C12    sing N N 232 
PXF C13    C14    doub Y N 233 
PXF C15    H151   sing N N 234 
PXF C15    H152   sing N N 235 
PXF C15    H153   sing N N 236 
PXF C16    H161   sing N N 237 
PXF C16    H162   sing N N 238 
PXF C16    H163   sing N N 239 
PXF "C0'"  "OXT'" sing N N 240 
PXF C0     OXT    sing N N 241 
PXF "OXT'" "HXT'" sing N N 242 
PXF OXT    HXT    sing N N 243 
PXZ C1     C0     sing N N 244 
PXZ C1     C2     doub N N 245 
PXZ C1     C11    sing N N 246 
PXZ C0     O1     doub N N 247 
PXZ C2     N2     sing N N 248 
PXZ C2     C3     sing N N 249 
PXZ N2     HN21   sing N N 250 
PXZ N2     HN22   sing N N 251 
PXZ C3     O3     doub N N 252 
PXZ C3     C4     sing N N 253 
PXZ C4     C12    doub N N 254 
PXZ C4     C15    sing N N 255 
PXZ O5     C12    sing N N 256 
PXZ O5     C13    sing N N 257 
PXZ C6     C7     doub Y N 258 
PXZ C6     C13    sing Y N 259 
PXZ C6     C16    sing N N 260 
PXZ C7     C8     sing Y N 261 
PXZ C7     H7     sing N N 262 
PXZ C8     C9     doub Y N 263 
PXZ C8     H8     sing N N 264 
PXZ C9     "C0'"  sing N N 265 
PXZ C9     C14    sing Y N 266 
PXZ "C0'"  "O1'"  doub N N 267 
PXZ N10    C11    doub N N 268 
PXZ N10    C14    sing N N 269 
PXZ C11    C12    sing N N 270 
PXZ C13    C14    doub Y N 271 
PXZ C15    H151   sing N N 272 
PXZ C15    H152   sing N N 273 
PXZ C15    H153   sing N N 274 
PXZ C16    H161   sing N N 275 
PXZ C16    H162   sing N N 276 
PXZ C16    H163   sing N N 277 
PXZ "C0'"  "OXT'" sing N N 278 
PXZ C0     OXT    sing N N 279 
PXZ "OXT'" "HXT'" sing N N 280 
PXZ OXT    HXT    sing N N 281 
SAR N      CA     sing N N 282 
SAR N      CN     sing N N 283 
SAR N      H      sing N N 284 
SAR CA     C      sing N N 285 
SAR CA     HA2    sing N N 286 
SAR CA     HA3    sing N N 287 
SAR C      O      doub N N 288 
SAR C      OXT    sing N N 289 
SAR CN     HN1    sing N N 290 
SAR CN     HN2    sing N N 291 
SAR CN     HN3    sing N N 292 
SAR OXT    HXT    sing N N 293 
THR N      CA     sing N N 294 
THR N      H      sing N N 295 
THR N      H2     sing N N 296 
THR CA     C      sing N N 297 
THR CA     CB     sing N N 298 
THR CA     HA     sing N N 299 
THR C      O      doub N N 300 
THR C      OXT    sing N N 301 
THR CB     OG1    sing N N 302 
THR CB     CG2    sing N N 303 
THR CB     HB     sing N N 304 
THR OG1    HG1    sing N N 305 
THR CG2    HG21   sing N N 306 
THR CG2    HG22   sing N N 307 
THR CG2    HG23   sing N N 308 
THR OXT    HXT    sing N N 309 
# 
_ndb_struct_conf_na.entry_id   316D 
_ndb_struct_conf_na.feature    'b-form double helix' 
# 
loop_
_ndb_struct_na_base_pair.model_number 
_ndb_struct_na_base_pair.i_label_asym_id 
_ndb_struct_na_base_pair.i_label_comp_id 
_ndb_struct_na_base_pair.i_label_seq_id 
_ndb_struct_na_base_pair.i_symmetry 
_ndb_struct_na_base_pair.j_label_asym_id 
_ndb_struct_na_base_pair.j_label_comp_id 
_ndb_struct_na_base_pair.j_label_seq_id 
_ndb_struct_na_base_pair.j_symmetry 
_ndb_struct_na_base_pair.shear 
_ndb_struct_na_base_pair.stretch 
_ndb_struct_na_base_pair.stagger 
_ndb_struct_na_base_pair.buckle 
_ndb_struct_na_base_pair.propeller 
_ndb_struct_na_base_pair.opening 
_ndb_struct_na_base_pair.pair_number 
_ndb_struct_na_base_pair.pair_name 
_ndb_struct_na_base_pair.i_auth_asym_id 
_ndb_struct_na_base_pair.i_auth_seq_id 
_ndb_struct_na_base_pair.i_PDB_ins_code 
_ndb_struct_na_base_pair.j_auth_asym_id 
_ndb_struct_na_base_pair.j_auth_seq_id 
_ndb_struct_na_base_pair.j_PDB_ins_code 
_ndb_struct_na_base_pair.hbond_type_28 
_ndb_struct_na_base_pair.hbond_type_12 
1 A DG 1 1_555 B DC 8 1_555 -0.065 -0.141 -0.027 3.115  -2.871 -1.339 1 A_DG1:DC16_B A 1 ? B 16 ? 19 1 
1 A DA 2 1_555 B DT 7 1_555 -0.062 -0.112 -0.032 1.519  -2.560 -7.728 2 A_DA2:DT15_B A 2 ? B 15 ? 20 1 
1 A DA 3 1_555 B DT 6 1_555 -0.251 -0.172 0.124  0.642  -4.678 -4.552 3 A_DA3:DT14_B A 3 ? B 14 ? 20 1 
1 A DG 4 1_555 B DC 5 1_555 -0.142 -0.179 0.208  -0.078 3.583  -3.301 4 A_DG4:DC13_B A 4 ? B 13 ? 19 1 
1 A DC 5 1_555 B DG 4 1_555 0.203  -0.217 0.574  -4.107 3.146  -1.472 5 A_DC5:DG12_B A 5 ? B 12 ? 19 1 
1 A DT 6 1_555 B DA 3 1_555 -0.051 -0.066 -0.103 1.718  0.253  -6.493 6 A_DT6:DA11_B A 6 ? B 11 ? 20 1 
1 A DT 7 1_555 B DA 2 1_555 0.056  -0.098 -0.013 -4.152 -2.008 -7.738 7 A_DT7:DA10_B A 7 ? B 10 ? 20 1 
1 A DC 8 1_555 B DG 1 1_555 0.061  -0.148 0.076  5.763  -5.473 -1.881 8 A_DC8:DG9_B  A 8 ? B 9  ? 19 1 
# 
loop_
_ndb_struct_na_base_pair_step.model_number 
_ndb_struct_na_base_pair_step.i_label_asym_id_1 
_ndb_struct_na_base_pair_step.i_label_comp_id_1 
_ndb_struct_na_base_pair_step.i_label_seq_id_1 
_ndb_struct_na_base_pair_step.i_symmetry_1 
_ndb_struct_na_base_pair_step.j_label_asym_id_1 
_ndb_struct_na_base_pair_step.j_label_comp_id_1 
_ndb_struct_na_base_pair_step.j_label_seq_id_1 
_ndb_struct_na_base_pair_step.j_symmetry_1 
_ndb_struct_na_base_pair_step.i_label_asym_id_2 
_ndb_struct_na_base_pair_step.i_label_comp_id_2 
_ndb_struct_na_base_pair_step.i_label_seq_id_2 
_ndb_struct_na_base_pair_step.i_symmetry_2 
_ndb_struct_na_base_pair_step.j_label_asym_id_2 
_ndb_struct_na_base_pair_step.j_label_comp_id_2 
_ndb_struct_na_base_pair_step.j_label_seq_id_2 
_ndb_struct_na_base_pair_step.j_symmetry_2 
_ndb_struct_na_base_pair_step.shift 
_ndb_struct_na_base_pair_step.slide 
_ndb_struct_na_base_pair_step.rise 
_ndb_struct_na_base_pair_step.tilt 
_ndb_struct_na_base_pair_step.roll 
_ndb_struct_na_base_pair_step.twist 
_ndb_struct_na_base_pair_step.x_displacement 
_ndb_struct_na_base_pair_step.y_displacement 
_ndb_struct_na_base_pair_step.helical_rise 
_ndb_struct_na_base_pair_step.inclination 
_ndb_struct_na_base_pair_step.tip 
_ndb_struct_na_base_pair_step.helical_twist 
_ndb_struct_na_base_pair_step.step_number 
_ndb_struct_na_base_pair_step.step_name 
_ndb_struct_na_base_pair_step.i_auth_asym_id_1 
_ndb_struct_na_base_pair_step.i_auth_seq_id_1 
_ndb_struct_na_base_pair_step.i_PDB_ins_code_1 
_ndb_struct_na_base_pair_step.j_auth_asym_id_1 
_ndb_struct_na_base_pair_step.j_auth_seq_id_1 
_ndb_struct_na_base_pair_step.j_PDB_ins_code_1 
_ndb_struct_na_base_pair_step.i_auth_asym_id_2 
_ndb_struct_na_base_pair_step.i_auth_seq_id_2 
_ndb_struct_na_base_pair_step.i_PDB_ins_code_2 
_ndb_struct_na_base_pair_step.j_auth_asym_id_2 
_ndb_struct_na_base_pair_step.j_auth_seq_id_2 
_ndb_struct_na_base_pair_step.j_PDB_ins_code_2 
1 A DG 1 1_555 B DC 8 1_555 A DA 2 1_555 B DT 7 1_555 -1.662 -0.816 3.582 -2.426 -2.569 36.564 -0.903 2.267   3.728 -4.084 3.856   
36.729 1 AA_DG1DA2:DT15DC16_BB A 1 ? B 16 ? A 2 ? B 15 ? 
1 A DA 2 1_555 B DT 7 1_555 A DA 3 1_555 B DT 6 1_555 0.047  -0.119 3.566 -4.085 13.482 44.305 -1.394 -0.436  3.378 17.363 5.261   
46.382 2 AA_DA2DA3:DT14DT15_BB A 2 ? B 15 ? A 3 ? B 14 ? 
1 A DA 3 1_555 B DT 6 1_555 A DG 4 1_555 B DC 5 1_555 -1.104 -0.227 3.505 -1.473 -0.686 32.573 -0.275 1.689   3.554 -1.221 2.625   
32.613 3 AA_DA3DG4:DC13DT14_BB A 3 ? B 14 ? A 4 ? B 13 ? 
1 A DG 4 1_555 B DC 5 1_555 A DC 5 1_555 B DG 4 1_555 0.279  0.304  7.300 -4.030 -0.067 11.381 1.634  -12.798 6.790 -0.323 19.537  
12.072 4 AA_DG4DC5:DG12DC13_BB A 4 ? B 13 ? A 5 ? B 12 ? 
1 A DC 5 1_555 B DG 4 1_555 A DT 6 1_555 B DA 3 1_555 -0.894 0.067  3.516 7.315  11.722 16.646 -4.662 5.406   2.451 33.876 -21.142 
21.602 5 AA_DC5DT6:DA11DG12_BB A 5 ? B 12 ? A 6 ? B 11 ? 
1 A DT 6 1_555 B DA 3 1_555 A DT 7 1_555 B DA 2 1_555 -0.360 -1.252 3.764 -0.634 -0.284 31.283 -2.260 0.529   3.781 -0.527 1.175   
31.291 6 AA_DT6DT7:DA10DA11_BB A 6 ? B 11 ? A 7 ? B 10 ? 
1 A DT 7 1_555 B DA 2 1_555 A DC 8 1_555 B DG 1 1_555 0.920  -0.319 3.276 -2.799 1.593  32.820 -0.830 -2.091  3.170 2.811  4.938   
32.974 7 AA_DT7DC8:DG9DA10_BB  A 7 ? B 10 ? A 8 ? B 9  ? 
# 
_pdbx_initial_refinement_model.accession_code   209D 
_pdbx_initial_refinement_model.id               1 
_pdbx_initial_refinement_model.entity_id_list   ? 
_pdbx_initial_refinement_model.type             'experimental model' 
_pdbx_initial_refinement_model.source_name      PDB 
_pdbx_initial_refinement_model.details          DDH051 
# 
_atom_sites.entry_id                    316D 
_atom_sites.fract_transf_matrix[1][1]   -0.01822189 
_atom_sites.fract_transf_matrix[1][2]   -0.00038670 
_atom_sites.fract_transf_matrix[1][3]   -0.00249262 
_atom_sites.fract_transf_matrix[2][1]   -0.00703767 
_atom_sites.fract_transf_matrix[2][2]   0.00246242 
_atom_sites.fract_transf_matrix[2][3]   -0.01681727 
_atom_sites.fract_transf_matrix[3][1]   0.00100243 
_atom_sites.fract_transf_matrix[3][2]   -0.02290960 
_atom_sites.fract_transf_matrix[3][3]   -0.00377397 
_atom_sites.fract_transf_vector[1]      0.219187 
_atom_sites.fract_transf_vector[2]      0.337269 
_atom_sites.fract_transf_vector[3]      0.278169 
# 
loop_
_atom_type.symbol 
C 
F 
H 
N 
O 
P 
# 
loop_
_atom_site.group_PDB 
_atom_site.id 
_atom_site.type_symbol 
_atom_site.label_atom_id 
_atom_site.label_alt_id 
_atom_site.label_comp_id 
_atom_site.label_asym_id 
_atom_site.label_entity_id 
_atom_site.label_seq_id 
_atom_site.pdbx_PDB_ins_code 
_atom_site.Cartn_x 
_atom_site.Cartn_y 
_atom_site.Cartn_z 
_atom_site.occupancy 
_atom_site.B_iso_or_equiv 
_atom_site.pdbx_formal_charge 
_atom_site.auth_seq_id 
_atom_site.auth_comp_id 
_atom_site.auth_asym_id 
_atom_site.auth_atom_id 
_atom_site.pdbx_PDB_model_num 
ATOM   1   O "O5'"  . DG  A 1 1  ? -14.258 -4.022  -10.209 1.00 25.43 ? 1  DG  A "O5'"  1 
ATOM   2   C "C5'"  . DG  A 1 1  ? -14.544 -2.627  -10.090 1.00 38.05 ? 1  DG  A "C5'"  1 
ATOM   3   C "C4'"  . DG  A 1 1  ? -15.954 -2.304  -10.610 1.00 44.60 ? 1  DG  A "C4'"  1 
ATOM   4   O "O4'"  . DG  A 1 1  ? -16.912 -3.107  -9.888  1.00 43.14 ? 1  DG  A "O4'"  1 
ATOM   5   C "C3'"  . DG  A 1 1  ? -16.309 -0.838  -10.370 1.00 51.87 ? 1  DG  A "C3'"  1 
ATOM   6   O "O3'"  . DG  A 1 1  ? -17.312 -0.303  -11.246 1.00 55.94 ? 1  DG  A "O3'"  1 
ATOM   7   C "C2'"  . DG  A 1 1  ? -16.881 -0.946  -8.980  1.00 48.12 ? 1  DG  A "C2'"  1 
ATOM   8   C "C1'"  . DG  A 1 1  ? -17.494 -2.327  -8.829  1.00 46.61 ? 1  DG  A "C1'"  1 
ATOM   9   N N9     . DG  A 1 1  ? -17.239 -2.944  -7.492  1.00 49.90 ? 1  DG  A N9     1 
ATOM   10  C C8     . DG  A 1 1  ? -17.110 -4.280  -7.210  1.00 49.94 ? 1  DG  A C8     1 
ATOM   11  N N7     . DG  A 1 1  ? -16.884 -4.542  -5.955  1.00 44.22 ? 1  DG  A N7     1 
ATOM   12  C C5     . DG  A 1 1  ? -16.905 -3.300  -5.338  1.00 34.57 ? 1  DG  A C5     1 
ATOM   13  C C6     . DG  A 1 1  ? -16.758 -2.961  -3.965  1.00 22.49 ? 1  DG  A C6     1 
ATOM   14  O O6     . DG  A 1 1  ? -16.589 -3.707  -2.999  1.00 26.16 ? 1  DG  A O6     1 
ATOM   15  N N1     . DG  A 1 1  ? -16.773 -1.594  -3.770  1.00 9.10  ? 1  DG  A N1     1 
ATOM   16  C C2     . DG  A 1 1  ? -16.976 -0.658  -4.756  1.00 8.43  ? 1  DG  A C2     1 
ATOM   17  N N2     . DG  A 1 1  ? -16.935 0.631   -4.423  1.00 7.71  ? 1  DG  A N2     1 
ATOM   18  N N3     . DG  A 1 1  ? -17.206 -0.978  -6.024  1.00 24.40 ? 1  DG  A N3     1 
ATOM   19  C C4     . DG  A 1 1  ? -17.109 -2.309  -6.264  1.00 40.25 ? 1  DG  A C4     1 
ATOM   20  H H1     . DG  A 1 1  ? -16.624 -1.268  -2.828  0.00 -2.39 ? 1  DG  A H1     1 
ATOM   21  H H21    . DG  A 1 1  ? -16.763 0.929   -3.473  0.00 -2.44 ? 1  DG  A H21    1 
ATOM   22  H H22    . DG  A 1 1  ? -17.075 1.326   -5.145  0.00 5.78  ? 1  DG  A H22    1 
ATOM   23  H "HO5'" . DG  A 1 1  ? -15.074 -4.465  -9.955  0.00 -0.09 ? 1  DG  A "HO5'" 1 
ATOM   24  P P      . DA  A 1 2  ? -17.768 1.258   -11.280 1.00 54.43 ? 2  DA  A P      1 
ATOM   25  O OP1    . DA  A 1 2  ? -17.986 1.745   -9.901  1.00 50.91 ? 2  DA  A OP1    1 
ATOM   26  O OP2    . DA  A 1 2  ? -18.881 1.346   -12.251 1.00 53.07 ? 2  DA  A OP2    1 
ATOM   27  O "O5'"  . DA  A 1 2  ? -16.519 2.051   -11.942 1.00 54.66 ? 2  DA  A "O5'"  1 
ATOM   28  C "C5'"  . DA  A 1 2  ? -15.212 2.379   -11.434 1.00 51.08 ? 2  DA  A "C5'"  1 
ATOM   29  C "C4'"  . DA  A 1 2  ? -15.192 3.334   -10.237 1.00 50.12 ? 2  DA  A "C4'"  1 
ATOM   30  O "O4'"  . DA  A 1 2  ? -15.481 2.663   -8.994  1.00 46.85 ? 2  DA  A "O4'"  1 
ATOM   31  C "C3'"  . DA  A 1 2  ? -13.815 3.958   -10.108 1.00 53.43 ? 2  DA  A "C3'"  1 
ATOM   32  O "O3'"  . DA  A 1 2  ? -13.934 5.391   -10.115 1.00 62.12 ? 2  DA  A "O3'"  1 
ATOM   33  C "C2'"  . DA  A 1 2  ? -13.260 3.349   -8.843  1.00 53.67 ? 2  DA  A "C2'"  1 
ATOM   34  C "C1'"  . DA  A 1 2  ? -14.447 2.919   -8.015  1.00 47.04 ? 2  DA  A "C1'"  1 
ATOM   35  N N9     . DA  A 1 2  ? -14.130 1.679   -7.267  1.00 42.23 ? 2  DA  A N9     1 
ATOM   36  C C8     . DA  A 1 2  ? -14.060 0.409   -7.764  1.00 39.91 ? 2  DA  A C8     1 
ATOM   37  N N7     . DA  A 1 2  ? -13.812 -0.514  -6.883  1.00 35.91 ? 2  DA  A N7     1 
ATOM   38  C C5     . DA  A 1 2  ? -13.663 0.203   -5.710  1.00 32.65 ? 2  DA  A C5     1 
ATOM   39  C C6     . DA  A 1 2  ? -13.408 -0.211  -4.401  1.00 29.64 ? 2  DA  A C6     1 
ATOM   40  N N6     . DA  A 1 2  ? -13.260 -1.499  -4.093  1.00 21.36 ? 2  DA  A N6     1 
ATOM   41  N N1     . DA  A 1 2  ? -13.267 0.732   -3.467  1.00 31.00 ? 2  DA  A N1     1 
ATOM   42  C C2     . DA  A 1 2  ? -13.435 2.004   -3.808  1.00 33.41 ? 2  DA  A C2     1 
ATOM   43  N N3     . DA  A 1 2  ? -13.759 2.521   -4.987  1.00 36.09 ? 2  DA  A N3     1 
ATOM   44  C C4     . DA  A 1 2  ? -13.847 1.545   -5.921  1.00 37.04 ? 2  DA  A C4     1 
ATOM   45  H H61    . DA  A 1 2  ? -13.097 -1.801  -3.147  0.00 2.12  ? 2  DA  A H61    1 
ATOM   46  H H62    . DA  A 1 2  ? -13.322 -2.183  -4.838  0.00 -0.52 ? 2  DA  A H62    1 
ATOM   47  P P      . DA  A 1 3  ? -12.675 6.395   -10.020 1.00 66.56 ? 3  DA  A P      1 
ATOM   48  O OP1    . DA  A 1 3  ? -13.152 7.742   -10.404 1.00 62.73 ? 3  DA  A OP1    1 
ATOM   49  O OP2    . DA  A 1 3  ? -11.553 5.784   -10.770 1.00 67.00 ? 3  DA  A OP2    1 
ATOM   50  O "O5'"  . DA  A 1 3  ? -12.262 6.452   -8.466  1.00 65.48 ? 3  DA  A "O5'"  1 
ATOM   51  C "C5'"  . DA  A 1 3  ? -11.044 7.122   -8.121  1.00 63.71 ? 3  DA  A "C5'"  1 
ATOM   52  C "C4'"  . DA  A 1 3  ? -10.849 7.359   -6.620  1.00 62.37 ? 3  DA  A "C4'"  1 
ATOM   53  O "O4'"  . DA  A 1 3  ? -11.079 6.194   -5.810  1.00 62.00 ? 3  DA  A "O4'"  1 
ATOM   54  C "C3'"  . DA  A 1 3  ? -9.419  7.791   -6.333  1.00 60.19 ? 3  DA  A "C3'"  1 
ATOM   55  O "O3'"  . DA  A 1 3  ? -9.463  8.534   -5.109  1.00 56.94 ? 3  DA  A "O3'"  1 
ATOM   56  C "C2'"  . DA  A 1 3  ? -8.779  6.409   -6.166  1.00 58.49 ? 3  DA  A "C2'"  1 
ATOM   57  C "C1'"  . DA  A 1 3  ? -9.829  5.593   -5.418  1.00 53.02 ? 3  DA  A "C1'"  1 
ATOM   58  N N9     . DA  A 1 3  ? -9.938  4.161   -5.772  1.00 45.20 ? 3  DA  A N9     1 
ATOM   59  C C8     . DA  A 1 3  ? -10.384 3.614   -6.945  1.00 45.06 ? 3  DA  A C8     1 
ATOM   60  N N7     . DA  A 1 3  ? -10.486 2.316   -6.936  1.00 40.30 ? 3  DA  A N7     1 
ATOM   61  C C5     . DA  A 1 3  ? -10.031 1.969   -5.674  1.00 35.60 ? 3  DA  A C5     1 
ATOM   62  C C6     . DA  A 1 3  ? -9.952  0.735   -5.024  1.00 33.45 ? 3  DA  A C6     1 
ATOM   63  N N6     . DA  A 1 3  ? -10.336 -0.404  -5.605  1.00 34.39 ? 3  DA  A N6     1 
ATOM   64  N N1     . DA  A 1 3  ? -9.467  0.724   -3.785  1.00 28.26 ? 3  DA  A N1     1 
ATOM   65  C C2     . DA  A 1 3  ? -9.100  1.866   -3.218  1.00 29.85 ? 3  DA  A C2     1 
ATOM   66  N N3     . DA  A 1 3  ? -9.251  3.106   -3.670  1.00 29.67 ? 3  DA  A N3     1 
ATOM   67  C C4     . DA  A 1 3  ? -9.732  3.084   -4.936  1.00 36.46 ? 3  DA  A C4     1 
ATOM   68  H H61    . DA  A 1 3  ? -10.280 -1.288  -5.127  0.00 -0.49 ? 3  DA  A H61    1 
ATOM   69  H H62    . DA  A 1 3  ? -10.691 -0.363  -6.551  0.00 -1.14 ? 3  DA  A H62    1 
ATOM   70  P P      . DG  A 1 4  ? -8.255  9.372   -4.464  1.00 64.54 ? 4  DG  A P      1 
ATOM   71  O OP1    . DG  A 1 4  ? -8.795  10.065  -3.271  1.00 70.05 ? 4  DG  A OP1    1 
ATOM   72  O OP2    . DG  A 1 4  ? -7.646  10.176  -5.548  1.00 63.27 ? 4  DG  A OP2    1 
ATOM   73  O "O5'"  . DG  A 1 4  ? -7.169  8.295   -3.975  1.00 64.07 ? 4  DG  A "O5'"  1 
ATOM   74  C "C5'"  . DG  A 1 4  ? -6.123  8.751   -3.106  1.00 62.05 ? 4  DG  A "C5'"  1 
ATOM   75  C "C4'"  . DG  A 1 4  ? -5.107  7.676   -2.752  1.00 58.02 ? 4  DG  A "C4'"  1 
ATOM   76  O "O4'"  . DG  A 1 4  ? -5.733  6.425   -2.388  1.00 59.12 ? 4  DG  A "O4'"  1 
ATOM   77  C "C3'"  . DG  A 1 4  ? -4.186  7.310   -3.896  1.00 54.99 ? 4  DG  A "C3'"  1 
ATOM   78  O "O3'"  . DG  A 1 4  ? -3.263  8.332   -4.310  1.00 48.84 ? 4  DG  A "O3'"  1 
ATOM   79  C "C2'"  . DG  A 1 4  ? -3.597  6.115   -3.222  1.00 49.58 ? 4  DG  A "C2'"  1 
ATOM   80  C "C1'"  . DG  A 1 4  ? -4.804  5.364   -2.698  1.00 44.04 ? 4  DG  A "C1'"  1 
ATOM   81  N N9     . DG  A 1 4  ? -5.299  4.363   -3.684  1.00 31.13 ? 4  DG  A N9     1 
ATOM   82  C C8     . DG  A 1 4  ? -5.820  4.587   -4.937  1.00 34.94 ? 4  DG  A C8     1 
ATOM   83  N N7     . DG  A 1 4  ? -6.208  3.517   -5.559  1.00 32.78 ? 4  DG  A N7     1 
ATOM   84  C C5     . DG  A 1 4  ? -5.857  2.494   -4.699  1.00 29.03 ? 4  DG  A C5     1 
ATOM   85  C C6     . DG  A 1 4  ? -6.014  1.101   -4.876  1.00 28.54 ? 4  DG  A C6     1 
ATOM   86  O O6     . DG  A 1 4  ? -6.485  0.510   -5.847  1.00 20.05 ? 4  DG  A O6     1 
ATOM   87  N N1     . DG  A 1 4  ? -5.630  0.403   -3.754  1.00 22.56 ? 4  DG  A N1     1 
ATOM   88  C C2     . DG  A 1 4  ? -5.085  0.964   -2.622  1.00 27.33 ? 4  DG  A C2     1 
ATOM   89  N N2     . DG  A 1 4  ? -4.825  0.124   -1.621  1.00 29.94 ? 4  DG  A N2     1 
ATOM   90  N N3     . DG  A 1 4  ? -4.856  2.279   -2.473  1.00 26.05 ? 4  DG  A N3     1 
ATOM   91  C C4     . DG  A 1 4  ? -5.317  2.989   -3.536  1.00 25.02 ? 4  DG  A C4     1 
ATOM   92  H H1     . DG  A 1 4  ? -5.744  -0.599  -3.766  0.00 1.16  ? 4  DG  A H1     1 
ATOM   93  H H21    . DG  A 1 4  ? -4.838  -0.877  -1.768  0.00 3.03  ? 4  DG  A H21    1 
ATOM   94  H H22    . DG  A 1 4  ? -4.563  0.479   -0.715  0.00 -4.51 ? 4  DG  A H22    1 
ATOM   95  P P      . DC  A 1 5  ? -2.238  8.149   -5.554  1.00 47.25 ? 5  DC  A P      1 
ATOM   96  O OP1    . DC  A 1 5  ? -1.763  9.493   -5.953  1.00 49.15 ? 5  DC  A OP1    1 
ATOM   97  O OP2    . DC  A 1 5  ? -2.889  7.281   -6.559  1.00 41.86 ? 5  DC  A OP2    1 
ATOM   98  O "O5'"  . DC  A 1 5  ? -0.975  7.299   -5.035  1.00 40.08 ? 5  DC  A "O5'"  1 
ATOM   99  C "C5'"  . DC  A 1 5  ? -0.062  7.864   -4.083  1.00 40.48 ? 5  DC  A "C5'"  1 
ATOM   100 C "C4'"  . DC  A 1 5  ? 1.159   6.974   -3.882  1.00 39.55 ? 5  DC  A "C4'"  1 
ATOM   101 O "O4'"  . DC  A 1 5  ? 0.761   5.595   -3.972  1.00 39.35 ? 5  DC  A "O4'"  1 
ATOM   102 C "C3'"  . DC  A 1 5  ? 2.256   7.146   -4.924  1.00 40.98 ? 5  DC  A "C3'"  1 
ATOM   103 O "O3'"  . DC  A 1 5  ? 3.103   8.274   -4.643  1.00 47.10 ? 5  DC  A "O3'"  1 
ATOM   104 C "C2'"  . DC  A 1 5  ? 2.938   5.810   -4.807  1.00 39.31 ? 5  DC  A "C2'"  1 
ATOM   105 C "C1'"  . DC  A 1 5  ? 1.812   4.845   -4.607  1.00 37.69 ? 5  DC  A "C1'"  1 
ATOM   106 N N1     . DC  A 1 5  ? 1.389   4.144   -5.854  1.00 33.45 ? 5  DC  A N1     1 
ATOM   107 C C2     . DC  A 1 5  ? 1.475   2.766   -5.851  1.00 29.29 ? 5  DC  A C2     1 
ATOM   108 O O2     . DC  A 1 5  ? 1.892   2.154   -4.876  1.00 23.03 ? 5  DC  A O2     1 
ATOM   109 N N3     . DC  A 1 5  ? 1.021   2.088   -6.920  1.00 30.88 ? 5  DC  A N3     1 
ATOM   110 C C4     . DC  A 1 5  ? 0.536   2.713   -7.990  1.00 35.67 ? 5  DC  A C4     1 
ATOM   111 N N4     . DC  A 1 5  ? 0.063   1.969   -8.989  1.00 34.40 ? 5  DC  A N4     1 
ATOM   112 C C5     . DC  A 1 5  ? 0.462   4.142   -8.037  1.00 32.37 ? 5  DC  A C5     1 
ATOM   113 C C6     . DC  A 1 5  ? 0.880   4.809   -6.940  1.00 31.31 ? 5  DC  A C6     1 
ATOM   114 H H41    . DC  A 1 5  ? 0.128   0.963   -8.962  0.00 -4.45 ? 5  DC  A H41    1 
ATOM   115 H H42    . DC  A 1 5  ? -0.383  2.418   -9.777  0.00 3.36  ? 5  DC  A H42    1 
ATOM   116 P P      . DT  A 1 6  ? 4.494   8.550   -5.424  1.00 52.07 ? 6  DT  A P      1 
ATOM   117 O OP1    . DT  A 1 6  ? 4.981   9.893   -5.029  1.00 49.64 ? 6  DT  A OP1    1 
ATOM   118 O OP2    . DT  A 1 6  ? 4.328   8.209   -6.857  1.00 56.73 ? 6  DT  A OP2    1 
ATOM   119 O "O5'"  . DT  A 1 6  ? 5.444   7.429   -4.757  1.00 54.16 ? 6  DT  A "O5'"  1 
ATOM   120 C "C5'"  . DT  A 1 6  ? 6.786   7.097   -5.127  1.00 54.99 ? 6  DT  A "C5'"  1 
ATOM   121 C "C4'"  . DT  A 1 6  ? 7.279   5.966   -4.217  1.00 55.60 ? 6  DT  A "C4'"  1 
ATOM   122 O "O4'"  . DT  A 1 6  ? 6.335   4.875   -4.265  1.00 50.77 ? 6  DT  A "O4'"  1 
ATOM   123 C "C3'"  . DT  A 1 6  ? 8.631   5.397   -4.628  1.00 59.69 ? 6  DT  A "C3'"  1 
ATOM   124 O "O3'"  . DT  A 1 6  ? 9.370   4.955   -3.472  1.00 63.22 ? 6  DT  A "O3'"  1 
ATOM   125 C "C2'"  . DT  A 1 6  ? 8.202   4.259   -5.533  1.00 53.65 ? 6  DT  A "C2'"  1 
ATOM   126 C "C1'"  . DT  A 1 6  ? 6.875   3.746   -4.989  1.00 41.62 ? 6  DT  A "C1'"  1 
ATOM   127 N N1     . DT  A 1 6  ? 5.980   3.334   -6.112  1.00 35.08 ? 6  DT  A N1     1 
ATOM   128 C C2     . DT  A 1 6  ? 5.694   1.985   -6.322  1.00 36.69 ? 6  DT  A C2     1 
ATOM   129 O O2     . DT  A 1 6  ? 6.106   1.067   -5.616  1.00 45.95 ? 6  DT  A O2     1 
ATOM   130 N N3     . DT  A 1 6  ? 4.892   1.683   -7.414  1.00 26.93 ? 6  DT  A N3     1 
ATOM   131 C C4     . DT  A 1 6  ? 4.346   2.610   -8.280  1.00 30.32 ? 6  DT  A C4     1 
ATOM   132 O O4     . DT  A 1 6  ? 3.649   2.227   -9.219  1.00 31.81 ? 6  DT  A O4     1 
ATOM   133 C C5     . DT  A 1 6  ? 4.683   3.984   -7.987  1.00 25.17 ? 6  DT  A C5     1 
ATOM   134 C C7     . DT  A 1 6  ? 4.169   5.118   -8.873  1.00 15.51 ? 6  DT  A C7     1 
ATOM   135 C C6     . DT  A 1 6  ? 5.470   4.291   -6.948  1.00 27.35 ? 6  DT  A C6     1 
ATOM   136 H H3     . DT  A 1 6  ? 4.677   0.710   -7.565  0.00 -3.27 ? 6  DT  A H3     1 
ATOM   137 P P      . DT  A 1 7  ? 10.855  4.325   -3.543  1.00 59.01 ? 7  DT  A P      1 
ATOM   138 O OP1    . DT  A 1 7  ? 11.391  4.309   -2.163  1.00 56.03 ? 7  DT  A OP1    1 
ATOM   139 O OP2    . DT  A 1 7  ? 11.594  5.051   -4.602  1.00 56.17 ? 7  DT  A OP2    1 
ATOM   140 O "O5'"  . DT  A 1 7  ? 10.692  2.803   -4.044  1.00 46.90 ? 7  DT  A "O5'"  1 
ATOM   141 C "C5'"  . DT  A 1 7  ? 10.203  1.773   -3.172  1.00 40.51 ? 7  DT  A "C5'"  1 
ATOM   142 C "C4'"  . DT  A 1 7  ? 10.258  0.385   -3.817  1.00 41.31 ? 7  DT  A "C4'"  1 
ATOM   143 O "O4'"  . DT  A 1 7  ? 9.286   0.249   -4.863  1.00 42.33 ? 7  DT  A "O4'"  1 
ATOM   144 C "C3'"  . DT  A 1 7  ? 11.655  0.179   -4.404  1.00 38.41 ? 7  DT  A "C3'"  1 
ATOM   145 O "O3'"  . DT  A 1 7  ? 12.294  -1.048  -4.018  1.00 41.42 ? 7  DT  A "O3'"  1 
ATOM   146 C "C2'"  . DT  A 1 7  ? 11.333  0.175   -5.884  1.00 38.89 ? 7  DT  A "C2'"  1 
ATOM   147 C "C1'"  . DT  A 1 7  ? 9.920   -0.374  -5.985  1.00 30.99 ? 7  DT  A "C1'"  1 
ATOM   148 N N1     . DT  A 1 7  ? 9.220   0.015   -7.237  1.00 20.24 ? 7  DT  A N1     1 
ATOM   149 C C2     . DT  A 1 7  ? 8.672   -0.982  -8.037  1.00 14.11 ? 7  DT  A C2     1 
ATOM   150 O O2     . DT  A 1 7  ? 8.812   -2.189  -7.844  1.00 13.77 ? 7  DT  A O2     1 
ATOM   151 N N3     . DT  A 1 7  ? 7.973   -0.555  -9.151  1.00 10.56 ? 7  DT  A N3     1 
ATOM   152 C C4     . DT  A 1 7  ? 7.808   0.764   -9.530  1.00 13.22 ? 7  DT  A C4     1 
ATOM   153 O O4     . DT  A 1 7  ? 7.164   1.031   -10.539 1.00 22.21 ? 7  DT  A O4     1 
ATOM   154 C C5     . DT  A 1 7  ? 8.439   1.728   -8.667  1.00 10.20 ? 7  DT  A C5     1 
ATOM   155 C C7     . DT  A 1 7  ? 8.469   3.198   -9.070  1.00 6.01  ? 7  DT  A C7     1 
ATOM   156 C C6     . DT  A 1 7  ? 9.091   1.335   -7.567  1.00 14.32 ? 7  DT  A C6     1 
ATOM   157 H H3     . DT  A 1 7  ? 7.540   -1.271  -9.714  0.00 -2.00 ? 7  DT  A H3     1 
ATOM   158 P P      . DC  A 1 8  ? 13.902  -1.084  -4.155  1.00 36.69 ? 8  DC  A P      1 
ATOM   159 O OP1    . DC  A 1 8  ? 14.343  -2.359  -3.543  1.00 35.86 ? 8  DC  A OP1    1 
ATOM   160 O OP2    . DC  A 1 8  ? 14.418  0.191   -3.601  1.00 39.27 ? 8  DC  A OP2    1 
ATOM   161 O "O5'"  . DC  A 1 8  ? 14.306  -1.122  -5.727  1.00 44.73 ? 8  DC  A "O5'"  1 
ATOM   162 C "C5'"  . DC  A 1 8  ? 14.602  -2.298  -6.496  1.00 47.93 ? 8  DC  A "C5'"  1 
ATOM   163 C "C4'"  . DC  A 1 8  ? 13.548  -3.404  -6.549  1.00 53.50 ? 8  DC  A "C4'"  1 
ATOM   164 O "O4'"  . DC  A 1 8  ? 12.331  -2.921  -7.143  1.00 56.28 ? 8  DC  A "O4'"  1 
ATOM   165 C "C3'"  . DC  A 1 8  ? 14.027  -4.532  -7.466  1.00 51.69 ? 8  DC  A "C3'"  1 
ATOM   166 O "O3'"  . DC  A 1 8  ? 13.316  -5.744  -7.172  1.00 52.73 ? 8  DC  A "O3'"  1 
ATOM   167 C "C2'"  . DC  A 1 8  ? 13.624  -3.960  -8.819  1.00 52.39 ? 8  DC  A "C2'"  1 
ATOM   168 C "C1'"  . DC  A 1 8  ? 12.277  -3.323  -8.531  1.00 50.55 ? 8  DC  A "C1'"  1 
ATOM   169 N N1     . DC  A 1 8  ? 11.875  -2.192  -9.412  1.00 45.70 ? 8  DC  A N1     1 
ATOM   170 C C2     . DC  A 1 8  ? 11.085  -2.458  -10.523 1.00 40.47 ? 8  DC  A C2     1 
ATOM   171 O O2     . DC  A 1 8  ? 10.778  -3.599  -10.860 1.00 40.68 ? 8  DC  A O2     1 
ATOM   172 N N3     . DC  A 1 8  ? 10.640  -1.405  -11.246 1.00 39.77 ? 8  DC  A N3     1 
ATOM   173 C C4     . DC  A 1 8  ? 10.954  -0.148  -10.940 1.00 42.18 ? 8  DC  A C4     1 
ATOM   174 N N4     . DC  A 1 8  ? 10.439  0.843   -11.676 1.00 39.09 ? 8  DC  A N4     1 
ATOM   175 C C5     . DC  A 1 8  ? 11.793  0.141   -9.821  1.00 42.45 ? 8  DC  A C5     1 
ATOM   176 C C6     . DC  A 1 8  ? 12.210  -0.909  -9.086  1.00 41.41 ? 8  DC  A C6     1 
ATOM   177 H "HO3'" . DC  A 1 8  ? 12.391  -5.505  -7.064  0.00 7.69  ? 8  DC  A "HO3'" 1 
ATOM   178 H H41    . DC  A 1 8  ? 9.818   0.647   -12.447 0.00 0.15  ? 8  DC  A H41    1 
ATOM   179 H H42    . DC  A 1 8  ? 10.709  1.803   -11.501 0.00 1.33  ? 8  DC  A H42    1 
ATOM   180 O "O5'"  . DG  B 1 1  ? 5.067   -2.728  -21.595 1.00 58.17 ? 9  DG  B "O5'"  1 
ATOM   181 C "C5'"  . DG  B 1 1  ? 4.366   -3.036  -20.390 1.00 55.44 ? 9  DG  B "C5'"  1 
ATOM   182 C "C4'"  . DG  B 1 1  ? 5.160   -3.978  -19.483 1.00 51.08 ? 9  DG  B "C4'"  1 
ATOM   183 O "O4'"  . DG  B 1 1  ? 6.450   -3.440  -19.144 1.00 43.84 ? 9  DG  B "O4'"  1 
ATOM   184 C "C3'"  . DG  B 1 1  ? 4.428   -4.189  -18.161 1.00 54.07 ? 9  DG  B "C3'"  1 
ATOM   185 O "O3'"  . DG  B 1 1  ? 3.346   -5.148  -18.255 1.00 57.51 ? 9  DG  B "O3'"  1 
ATOM   186 C "C2'"  . DG  B 1 1  ? 5.581   -4.589  -17.268 1.00 44.48 ? 9  DG  B "C2'"  1 
ATOM   187 C "C1'"  . DG  B 1 1  ? 6.767   -3.791  -17.785 1.00 41.16 ? 9  DG  B "C1'"  1 
ATOM   188 N N9     . DG  B 1 1  ? 7.087   -2.572  -17.004 1.00 31.65 ? 9  DG  B N9     1 
ATOM   189 C C8     . DG  B 1 1  ? 6.826   -1.265  -17.326 1.00 23.88 ? 9  DG  B C8     1 
ATOM   190 N N7     . DG  B 1 1  ? 7.300   -0.402  -16.475 1.00 29.85 ? 9  DG  B N7     1 
ATOM   191 C C5     . DG  B 1 1  ? 7.873   -1.189  -15.483 1.00 27.17 ? 9  DG  B C5     1 
ATOM   192 C C6     . DG  B 1 1  ? 8.570   -0.798  -14.310 1.00 28.52 ? 9  DG  B C6     1 
ATOM   193 O O6     . DG  B 1 1  ? 8.828   0.337   -13.910 1.00 36.90 ? 9  DG  B O6     1 
ATOM   194 N N1     . DG  B 1 1  ? 9.005   -1.893  -13.592 1.00 26.77 ? 9  DG  B N1     1 
ATOM   195 C C2     . DG  B 1 1  ? 8.818   -3.207  -13.959 1.00 26.71 ? 9  DG  B C2     1 
ATOM   196 N N2     . DG  B 1 1  ? 9.277   -4.150  -13.138 1.00 21.95 ? 9  DG  B N2     1 
ATOM   197 N N3     . DG  B 1 1  ? 8.220   -3.577  -15.094 1.00 28.39 ? 9  DG  B N3     1 
ATOM   198 C C4     . DG  B 1 1  ? 7.776   -2.517  -15.811 1.00 26.84 ? 9  DG  B C4     1 
ATOM   199 H H1     . DG  B 1 1  ? 9.488   -1.710  -12.726 0.00 1.92  ? 9  DG  B H1     1 
ATOM   200 H H21    . DG  B 1 1  ? 9.766   -3.917  -12.287 0.00 2.75  ? 9  DG  B H21    1 
ATOM   201 H H22    . DG  B 1 1  ? 9.111   -5.123  -13.366 0.00 -1.79 ? 9  DG  B H22    1 
ATOM   202 H "HO5'" . DG  B 1 1  ? 4.463   -2.252  -22.165 0.00 3.96  ? 9  DG  B "HO5'" 1 
ATOM   203 P P      . DA  B 1 2  ? 3.435   -6.740  -18.592 1.00 66.70 ? 10 DA  B P      1 
ATOM   204 O OP1    . DA  B 1 2  ? 4.418   -6.968  -19.676 1.00 68.35 ? 10 DA  B OP1    1 
ATOM   205 O OP2    . DA  B 1 2  ? 2.047   -7.225  -18.768 1.00 67.39 ? 10 DA  B OP2    1 
ATOM   206 O "O5'"  . DA  B 1 2  ? 4.028   -7.403  -17.251 1.00 65.67 ? 10 DA  B "O5'"  1 
ATOM   207 C "C5'"  . DA  B 1 2  ? 3.224   -7.534  -16.075 1.00 54.37 ? 10 DA  B "C5'"  1 
ATOM   208 C "C4'"  . DA  B 1 2  ? 4.000   -8.163  -14.920 1.00 50.57 ? 10 DA  B "C4'"  1 
ATOM   209 O "O4'"  . DA  B 1 2  ? 5.014   -7.241  -14.477 1.00 49.27 ? 10 DA  B "O4'"  1 
ATOM   210 C "C3'"  . DA  B 1 2  ? 3.080   -8.433  -13.731 1.00 48.51 ? 10 DA  B "C3'"  1 
ATOM   211 O "O3'"  . DA  B 1 2  ? 3.390   -9.648  -12.998 1.00 51.40 ? 10 DA  B "O3'"  1 
ATOM   212 C "C2'"  . DA  B 1 2  ? 3.223   -7.141  -12.943 1.00 54.22 ? 10 DA  B "C2'"  1 
ATOM   213 C "C1'"  . DA  B 1 2  ? 4.657   -6.686  -13.195 1.00 47.66 ? 10 DA  B "C1'"  1 
ATOM   214 N N9     . DA  B 1 2  ? 4.792   -5.215  -13.173 1.00 44.22 ? 10 DA  B N9     1 
ATOM   215 C C8     . DA  B 1 2  ? 4.245   -4.286  -14.021 1.00 39.18 ? 10 DA  B C8     1 
ATOM   216 N N7     . DA  B 1 2  ? 4.548   -3.053  -13.727 1.00 36.01 ? 10 DA  B N7     1 
ATOM   217 C C5     . DA  B 1 2  ? 5.387   -3.177  -12.629 1.00 28.45 ? 10 DA  B C5     1 
ATOM   218 C C6     . DA  B 1 2  ? 6.073   -2.226  -11.867 1.00 19.89 ? 10 DA  B C6     1 
ATOM   219 N N6     . DA  B 1 2  ? 5.992   -0.925  -12.128 1.00 17.15 ? 10 DA  B N6     1 
ATOM   220 N N1     . DA  B 1 2  ? 6.763   -2.657  -10.810 1.00 15.21 ? 10 DA  B N1     1 
ATOM   221 C C2     . DA  B 1 2  ? 6.836   -3.966  -10.580 1.00 23.04 ? 10 DA  B C2     1 
ATOM   222 N N3     . DA  B 1 2  ? 6.300   -4.966  -11.264 1.00 27.18 ? 10 DA  B N3     1 
ATOM   223 C C4     . DA  B 1 2  ? 5.550   -4.488  -12.284 1.00 32.80 ? 10 DA  B C4     1 
ATOM   224 H H61    . DA  B 1 2  ? 6.499   -0.246  -11.585 0.00 0.42  ? 10 DA  B H61    1 
ATOM   225 H H62    . DA  B 1 2  ? 5.417   -0.618  -12.903 0.00 -2.82 ? 10 DA  B H62    1 
ATOM   226 P P      . DA  B 1 3  ? 4.683   -10.087 -12.109 1.00 47.16 ? 11 DA  B P      1 
ATOM   227 O OP1    . DA  B 1 3  ? 5.937   -9.703  -12.794 1.00 44.70 ? 11 DA  B OP1    1 
ATOM   228 O OP2    . DA  B 1 3  ? 4.483   -11.495 -11.703 1.00 37.30 ? 11 DA  B OP2    1 
ATOM   229 O "O5'"  . DA  B 1 3  ? 4.501   -9.166  -10.812 1.00 42.47 ? 11 DA  B "O5'"  1 
ATOM   230 C "C5'"  . DA  B 1 3  ? 5.348   -9.226  -9.661  1.00 40.94 ? 11 DA  B "C5'"  1 
ATOM   231 C "C4'"  . DA  B 1 3  ? 4.825   -8.290  -8.574  1.00 41.84 ? 11 DA  B "C4'"  1 
ATOM   232 O "O4'"  . DA  B 1 3  ? 4.862   -6.922  -9.009  1.00 45.53 ? 11 DA  B "O4'"  1 
ATOM   233 C "C3'"  . DA  B 1 3  ? 3.365   -8.673  -8.274  1.00 42.32 ? 11 DA  B "C3'"  1 
ATOM   234 O "O3'"  . DA  B 1 3  ? 3.242   -9.306  -6.978  1.00 43.11 ? 11 DA  B "O3'"  1 
ATOM   235 C "C2'"  . DA  B 1 3  ? 2.699   -7.310  -8.386  1.00 44.59 ? 11 DA  B "C2'"  1 
ATOM   236 C "C1'"  . DA  B 1 3  ? 3.814   -6.270  -8.297  1.00 39.89 ? 11 DA  B "C1'"  1 
ATOM   237 N N9     . DA  B 1 3  ? 3.476   -4.956  -8.907  1.00 34.24 ? 11 DA  B N9     1 
ATOM   238 C C8     . DA  B 1 3  ? 2.718   -4.695  -10.021 1.00 33.21 ? 11 DA  B C8     1 
ATOM   239 N N7     . DA  B 1 3  ? 2.604   -3.425  -10.305 1.00 32.65 ? 11 DA  B N7     1 
ATOM   240 C C5     . DA  B 1 3  ? 3.331   -2.793  -9.307  1.00 28.54 ? 11 DA  B C5     1 
ATOM   241 C C6     . DA  B 1 3  ? 3.591   -1.438  -9.043  1.00 23.46 ? 11 DA  B C6     1 
ATOM   242 N N6     . DA  B 1 3  ? 3.104   -0.450  -9.791  1.00 29.72 ? 11 DA  B N6     1 
ATOM   243 N N1     . DA  B 1 3  ? 4.350   -1.145  -7.985  1.00 18.35 ? 11 DA  B N1     1 
ATOM   244 C C2     . DA  B 1 3  ? 4.823   -2.133  -7.246  1.00 16.75 ? 11 DA  B C2     1 
ATOM   245 N N3     . DA  B 1 3  ? 4.637   -3.441  -7.366  1.00 16.99 ? 11 DA  B N3     1 
ATOM   246 C C4     . DA  B 1 3  ? 3.870   -3.713  -8.448  1.00 26.12 ? 11 DA  B C4     1 
ATOM   247 H H61    . DA  B 1 3  ? 3.315   0.516   -9.596  0.00 -0.56 ? 11 DA  B H61    1 
ATOM   248 H H62    . DA  B 1 3  ? 2.501   -0.689  -10.568 0.00 7.10  ? 11 DA  B H62    1 
ATOM   249 P P      . DG  B 1 4  ? 2.120   -10.447 -6.660  1.00 39.86 ? 12 DG  B P      1 
ATOM   250 O OP1    . DG  B 1 4  ? 2.453   -10.978 -5.319  1.00 46.03 ? 12 DG  B OP1    1 
ATOM   251 O OP2    . DG  B 1 4  ? 2.134   -11.389 -7.804  1.00 38.44 ? 12 DG  B OP2    1 
ATOM   252 O "O5'"  . DG  B 1 4  ? 0.605   -9.869  -6.564  1.00 50.06 ? 12 DG  B "O5'"  1 
ATOM   253 C "C5'"  . DG  B 1 4  ? -0.024  -9.247  -5.424  1.00 47.81 ? 12 DG  B "C5'"  1 
ATOM   254 C "C4'"  . DG  B 1 4  ? 0.657   -7.981  -4.955  1.00 47.79 ? 12 DG  B "C4'"  1 
ATOM   255 O "O4'"  . DG  B 1 4  ? 0.720   -7.090  -6.061  1.00 48.32 ? 12 DG  B "O4'"  1 
ATOM   256 C "C3'"  . DG  B 1 4  ? -0.087  -7.163  -3.898  1.00 53.07 ? 12 DG  B "C3'"  1 
ATOM   257 O "O3'"  . DG  B 1 4  ? 0.204   -7.523  -2.540  1.00 57.71 ? 12 DG  B "O3'"  1 
ATOM   258 C "C2'"  . DG  B 1 4  ? 0.411   -5.767  -4.167  1.00 48.82 ? 12 DG  B "C2'"  1 
ATOM   259 C "C1'"  . DG  B 1 4  ? 1.017   -5.788  -5.540  1.00 47.15 ? 12 DG  B "C1'"  1 
ATOM   260 N N9     . DG  B 1 4  ? 0.560   -4.733  -6.471  1.00 44.56 ? 12 DG  B N9     1 
ATOM   261 C C8     . DG  B 1 4  ? -0.005  -4.920  -7.703  1.00 38.26 ? 12 DG  B C8     1 
ATOM   262 N N7     . DG  B 1 4  ? -0.151  -3.832  -8.390  1.00 29.53 ? 12 DG  B N7     1 
ATOM   263 C C5     . DG  B 1 4  ? 0.155   -2.830  -7.484  1.00 38.62 ? 12 DG  B C5     1 
ATOM   264 C C6     . DG  B 1 4  ? 0.131   -1.427  -7.674  1.00 34.00 ? 12 DG  B C6     1 
ATOM   265 O O6     . DG  B 1 4  ? -0.190  -0.800  -8.683  1.00 30.01 ? 12 DG  B O6     1 
ATOM   266 N N1     . DG  B 1 4  ? 0.646   -0.765  -6.585  1.00 28.39 ? 12 DG  B N1     1 
ATOM   267 C C2     . DG  B 1 4  ? 1.049   -1.361  -5.414  1.00 33.31 ? 12 DG  B C2     1 
ATOM   268 N N2     . DG  B 1 4  ? 1.600   -0.564  -4.510  1.00 20.48 ? 12 DG  B N2     1 
ATOM   269 N N3     . DG  B 1 4  ? 1.005   -2.678  -5.182  1.00 40.89 ? 12 DG  B N3     1 
ATOM   270 C C4     . DG  B 1 4  ? 0.629   -3.359  -6.306  1.00 41.82 ? 12 DG  B C4     1 
ATOM   271 H H1     . DG  B 1 4  ? 0.720   0.239   -6.652  0.00 0.46  ? 12 DG  B H1     1 
ATOM   272 H H21    . DG  B 1 4  ? 1.551   0.442   -4.618  0.00 -1.42 ? 12 DG  B H21    1 
ATOM   273 H H22    . DG  B 1 4  ? 2.102   -0.955  -3.730  0.00 2.61  ? 12 DG  B H22    1 
ATOM   274 P P      . DC  B 1 5  ? -0.469  -8.638  -1.581  1.00 50.58 ? 13 DC  B P      1 
ATOM   275 O OP1    . DC  B 1 5  ? 0.462   -8.820  -0.443  1.00 52.89 ? 13 DC  B OP1    1 
ATOM   276 O OP2    . DC  B 1 5  ? -0.855  -9.816  -2.392  1.00 53.54 ? 13 DC  B OP2    1 
ATOM   277 O "O5'"  . DC  B 1 5  ? -1.816  -7.962  -0.979  1.00 50.43 ? 13 DC  B "O5'"  1 
ATOM   278 C "C5'"  . DC  B 1 5  ? -3.093  -7.773  -1.610  1.00 46.78 ? 13 DC  B "C5'"  1 
ATOM   279 C "C4'"  . DC  B 1 5  ? -4.007  -6.911  -0.714  1.00 44.05 ? 13 DC  B "C4'"  1 
ATOM   280 O "O4'"  . DC  B 1 5  ? -4.146  -5.630  -1.370  1.00 37.21 ? 13 DC  B "O4'"  1 
ATOM   281 C "C3'"  . DC  B 1 5  ? -5.429  -7.470  -0.472  1.00 44.36 ? 13 DC  B "C3'"  1 
ATOM   282 O "O3'"  . DC  B 1 5  ? -6.040  -6.975  0.756   1.00 56.56 ? 13 DC  B "O3'"  1 
ATOM   283 C "C2'"  . DC  B 1 5  ? -6.114  -6.824  -1.650  1.00 40.28 ? 13 DC  B "C2'"  1 
ATOM   284 C "C1'"  . DC  B 1 5  ? -5.538  -5.413  -1.640  1.00 36.45 ? 13 DC  B "C1'"  1 
ATOM   285 N N1     . DC  B 1 5  ? -5.870  -4.588  -2.844  1.00 38.14 ? 13 DC  B N1     1 
ATOM   286 C C2     . DC  B 1 5  ? -5.739  -3.202  -2.763  1.00 32.34 ? 13 DC  B C2     1 
ATOM   287 O O2     . DC  B 1 5  ? -5.303  -2.626  -1.770  1.00 29.72 ? 13 DC  B O2     1 
ATOM   288 N N3     . DC  B 1 5  ? -6.097  -2.467  -3.840  1.00 33.38 ? 13 DC  B N3     1 
ATOM   289 C C4     . DC  B 1 5  ? -6.556  -3.025  -4.960  1.00 38.77 ? 13 DC  B C4     1 
ATOM   290 N N4     . DC  B 1 5  ? -6.885  -2.236  -5.982  1.00 41.50 ? 13 DC  B N4     1 
ATOM   291 C C5     . DC  B 1 5  ? -6.682  -4.446  -5.071  1.00 39.41 ? 13 DC  B C5     1 
ATOM   292 C C6     . DC  B 1 5  ? -6.335  -5.176  -3.991  1.00 41.48 ? 13 DC  B C6     1 
ATOM   293 H H41    . DC  B 1 5  ? -6.774  -1.235  -5.919  0.00 2.42  ? 13 DC  B H41    1 
ATOM   294 H H42    . DC  B 1 5  ? -7.242  -2.639  -6.839  0.00 3.07  ? 13 DC  B H42    1 
ATOM   295 P P      . DT  B 1 6  ? -7.461  -7.563  1.296   1.00 58.44 ? 14 DT  B P      1 
ATOM   296 O OP1    . DT  B 1 6  ? -7.272  -9.010  1.529   1.00 51.99 ? 14 DT  B OP1    1 
ATOM   297 O OP2    . DT  B 1 6  ? -8.524  -7.135  0.352   1.00 54.05 ? 14 DT  B OP2    1 
ATOM   298 O "O5'"  . DT  B 1 6  ? -7.804  -6.942  2.758   1.00 42.61 ? 14 DT  B "O5'"  1 
ATOM   299 C "C5'"  . DT  B 1 6  ? -8.453  -5.702  3.067   1.00 30.75 ? 14 DT  B "C5'"  1 
ATOM   300 C "C4'"  . DT  B 1 6  ? -7.792  -4.467  2.507   1.00 32.68 ? 14 DT  B "C4'"  1 
ATOM   301 O "O4'"  . DT  B 1 6  ? -7.774  -4.524  1.084   1.00 38.83 ? 14 DT  B "O4'"  1 
ATOM   302 C "C3'"  . DT  B 1 6  ? -8.616  -3.241  2.842   1.00 37.70 ? 14 DT  B "C3'"  1 
ATOM   303 O "O3'"  . DT  B 1 6  ? -8.292  -2.792  4.166   1.00 38.71 ? 14 DT  B "O3'"  1 
ATOM   304 C "C2'"  . DT  B 1 6  ? -8.320  -2.298  1.712   1.00 37.98 ? 14 DT  B "C2'"  1 
ATOM   305 C "C1'"  . DT  B 1 6  ? -7.853  -3.181  0.570   1.00 40.71 ? 14 DT  B "C1'"  1 
ATOM   306 N N1     . DT  B 1 6  ? -8.602  -3.104  -0.720  1.00 25.51 ? 14 DT  B N1     1 
ATOM   307 C C2     . DT  B 1 6  ? -8.771  -1.878  -1.360  1.00 18.62 ? 14 DT  B C2     1 
ATOM   308 O O2     . DT  B 1 6  ? -8.465  -0.779  -0.898  1.00 9.02  ? 14 DT  B O2     1 
ATOM   309 N N3     . DT  B 1 6  ? -9.320  -1.924  -2.617  1.00 20.22 ? 14 DT  B N3     1 
ATOM   310 C C4     . DT  B 1 6  ? -9.753  -3.050  -3.275  1.00 30.05 ? 14 DT  B C4     1 
ATOM   311 O O4     . DT  B 1 6  ? -10.202 -2.934  -4.415  1.00 29.86 ? 14 DT  B O4     1 
ATOM   312 C C5     . DT  B 1 6  ? -9.601  -4.274  -2.524  1.00 24.87 ? 14 DT  B C5     1 
ATOM   313 C C7     . DT  B 1 6  ? -10.148 -5.591  -3.065  1.00 25.09 ? 14 DT  B C7     1 
ATOM   314 C C6     . DT  B 1 6  ? -9.017  -4.264  -1.318  1.00 12.57 ? 14 DT  B C6     1 
ATOM   315 H H3     . DT  B 1 6  ? -9.421  -1.040  -3.096  0.00 -3.45 ? 14 DT  B H3     1 
ATOM   316 P P      . DT  B 1 7  ? -8.765  -1.391  4.803   1.00 34.95 ? 15 DT  B P      1 
ATOM   317 O OP1    . DT  B 1 7  ? -8.227  -0.295  3.964   1.00 45.65 ? 15 DT  B OP1    1 
ATOM   318 O OP2    . DT  B 1 7  ? -8.437  -1.436  6.246   1.00 38.56 ? 15 DT  B OP2    1 
ATOM   319 O "O5'"  . DT  B 1 7  ? -10.366 -1.508  4.667   1.00 39.05 ? 15 DT  B "O5'"  1 
ATOM   320 C "C5'"  . DT  B 1 7  ? -11.280 -0.554  5.221   1.00 35.63 ? 15 DT  B "C5'"  1 
ATOM   321 C "C4'"  . DT  B 1 7  ? -11.041 0.880   4.732   1.00 35.33 ? 15 DT  B "C4'"  1 
ATOM   322 O "O4'"  . DT  B 1 7  ? -10.707 0.879   3.332   1.00 35.29 ? 15 DT  B "O4'"  1 
ATOM   323 C "C3'"  . DT  B 1 7  ? -12.311 1.698   4.885   1.00 41.44 ? 15 DT  B "C3'"  1 
ATOM   324 O "O3'"  . DT  B 1 7  ? -12.016 3.106   4.889   1.00 48.17 ? 15 DT  B "O3'"  1 
ATOM   325 C "C2'"  . DT  B 1 7  ? -12.980 1.283   3.580   1.00 38.74 ? 15 DT  B "C2'"  1 
ATOM   326 C "C1'"  . DT  B 1 7  ? -11.854 1.256   2.551   1.00 35.71 ? 15 DT  B "C1'"  1 
ATOM   327 N N1     . DT  B 1 7  ? -12.077 0.271   1.458   1.00 36.68 ? 15 DT  B N1     1 
ATOM   328 C C2     . DT  B 1 7  ? -12.397 0.727   0.180   1.00 34.03 ? 15 DT  B C2     1 
ATOM   329 O O2     . DT  B 1 7  ? -12.529 1.910   -0.126  1.00 38.93 ? 15 DT  B O2     1 
ATOM   330 N N3     . DT  B 1 7  ? -12.566 -0.241  -0.795  1.00 27.38 ? 15 DT  B N3     1 
ATOM   331 C C4     . DT  B 1 7  ? -12.442 -1.603  -0.599  1.00 28.75 ? 15 DT  B C4     1 
ATOM   332 O O4     . DT  B 1 7  ? -12.614 -2.376  -1.540  1.00 22.67 ? 15 DT  B O4     1 
ATOM   333 C C5     . DT  B 1 7  ? -12.120 -1.990  0.753   1.00 32.53 ? 15 DT  B C5     1 
ATOM   334 C C7     . DT  B 1 7  ? -12.077 -3.469  1.131   1.00 34.03 ? 15 DT  B C7     1 
ATOM   335 C C6     . DT  B 1 7  ? -11.943 -1.067  1.709   1.00 37.72 ? 15 DT  B C6     1 
ATOM   336 H H3     . DT  B 1 7  ? -12.799 0.095   -1.718  0.00 0.03  ? 15 DT  B H3     1 
ATOM   337 P P      . DC  B 1 8  ? -13.147 4.188   5.267   1.00 47.22 ? 16 DC  B P      1 
ATOM   338 O OP1    . DC  B 1 8  ? -12.510 5.525   5.274   1.00 37.69 ? 16 DC  B OP1    1 
ATOM   339 O OP2    . DC  B 1 8  ? -13.840 3.711   6.483   1.00 47.07 ? 16 DC  B OP2    1 
ATOM   340 O "O5'"  . DC  B 1 8  ? -14.196 4.144   4.044   1.00 43.51 ? 16 DC  B "O5'"  1 
ATOM   341 C "C5'"  . DC  B 1 8  ? -13.951 4.790   2.786   1.00 41.32 ? 16 DC  B "C5'"  1 
ATOM   342 C "C4'"  . DC  B 1 8  ? -14.951 4.370   1.715   1.00 32.67 ? 16 DC  B "C4'"  1 
ATOM   343 O "O4'"  . DC  B 1 8  ? -14.770 2.995   1.384   1.00 30.72 ? 16 DC  B "O4'"  1 
ATOM   344 C "C3'"  . DC  B 1 8  ? -16.416 4.478   2.140   1.00 31.47 ? 16 DC  B "C3'"  1 
ATOM   345 O "O3'"  . DC  B 1 8  ? -16.953 5.768   1.818   1.00 29.26 ? 16 DC  B "O3'"  1 
ATOM   346 C "C2'"  . DC  B 1 8  ? -17.074 3.335   1.374   1.00 24.83 ? 16 DC  B "C2'"  1 
ATOM   347 C "C1'"  . DC  B 1 8  ? -15.933 2.668   0.618   1.00 29.88 ? 16 DC  B "C1'"  1 
ATOM   348 N N1     . DC  B 1 8  ? -16.038 1.197   0.406   1.00 28.61 ? 16 DC  B N1     1 
ATOM   349 C C2     . DC  B 1 8  ? -16.270 0.740   -0.884  1.00 20.05 ? 16 DC  B C2     1 
ATOM   350 O O2     . DC  B 1 8  ? -16.454 1.504   -1.830  1.00 19.43 ? 16 DC  B O2     1 
ATOM   351 N N3     . DC  B 1 8  ? -16.293 -0.595  -1.091  1.00 14.19 ? 16 DC  B N3     1 
ATOM   352 C C4     . DC  B 1 8  ? -16.121 -1.467  -0.101  1.00 22.77 ? 16 DC  B C4     1 
ATOM   353 N N4     . DC  B 1 8  ? -16.160 -2.770  -0.390  1.00 22.65 ? 16 DC  B N4     1 
ATOM   354 C C5     . DC  B 1 8  ? -15.899 -1.018  1.241   1.00 27.17 ? 16 DC  B C5     1 
ATOM   355 C C6     . DC  B 1 8  ? -15.856 0.317   1.439   1.00 29.26 ? 16 DC  B C6     1 
ATOM   356 H "HO3'" . DC  B 1 8  ? -16.470 6.407   2.346   0.00 -0.18 ? 16 DC  B "HO3'" 1 
ATOM   357 H H41    . DC  B 1 8  ? -16.313 -3.087  -1.336  0.00 -2.12 ? 16 DC  B H41    1 
ATOM   358 H H42    . DC  B 1 8  ? -16.050 -3.455  0.345   0.00 -3.03 ? 16 DC  B H42    1 
ATOM   359 N N      . THR C 2 1  ? -2.031  2.267   -2.143  1.00 28.75 ? 1  THR C N      1 
ATOM   360 C CA     . THR C 2 1  ? -1.320  2.510   -0.886  1.00 29.48 ? 1  THR C CA     1 
ATOM   361 C C      . THR C 2 1  ? -1.824  1.606   0.208   1.00 36.33 ? 1  THR C C      1 
ATOM   362 O O      . THR C 2 1  ? -2.969  1.165   0.174   1.00 34.94 ? 1  THR C O      1 
ATOM   363 C CB     . THR C 2 1  ? -1.431  3.950   -0.360  1.00 29.73 ? 1  THR C CB     1 
ATOM   364 O OG1    . THR C 2 1  ? -2.833  4.287   -0.357  1.00 34.21 ? 1  THR C OG1    1 
ATOM   365 C CG2    . THR C 2 1  ? -0.687  4.968   -1.205  1.00 37.51 ? 1  THR C CG2    1 
ATOM   366 H H      . THR C 2 1  ? -2.588  1.459   -2.064  0.00 1.14  ? 1  THR C H      1 
HETATM 367 N N      . DVA C 2 2  ? -0.943  1.310   1.163   1.00 44.85 ? 2  DVA C N      1 
HETATM 368 C CA     . DVA C 2 2  ? -1.354  0.685   2.410   1.00 41.03 ? 2  DVA C CA     1 
HETATM 369 C CB     . DVA C 2 2  ? -0.463  1.198   3.569   1.00 51.07 ? 2  DVA C CB     1 
HETATM 370 C CG1    . DVA C 2 2  ? -0.886  0.673   4.935   1.00 53.60 ? 2  DVA C CG1    1 
HETATM 371 C CG2    . DVA C 2 2  ? -0.377  2.720   3.618   1.00 51.47 ? 2  DVA C CG2    1 
HETATM 372 C C      . DVA C 2 2  ? -1.344  -0.840  2.302   1.00 34.73 ? 2  DVA C C      1 
HETATM 373 O O      . DVA C 2 2  ? -0.254  -1.411  2.217   1.00 35.69 ? 2  DVA C O      1 
HETATM 374 H H      . DVA C 2 2  ? 0.004   1.503   1.022   0.00 -3.21 ? 2  DVA C H      1 
ATOM   375 N N      . PRO C 2 3  ? -2.470  -1.570  2.254   1.00 34.65 ? 3  PRO C N      1 
ATOM   376 C CA     . PRO C 2 3  ? -3.839  -1.049  2.257   1.00 37.94 ? 3  PRO C CA     1 
ATOM   377 C C      . PRO C 2 3  ? -4.296  -0.459  3.592   1.00 38.45 ? 3  PRO C C      1 
ATOM   378 O O      . PRO C 2 3  ? -3.944  -1.022  4.631   1.00 42.61 ? 3  PRO C O      1 
ATOM   379 C CB     . PRO C 2 3  ? -4.653  -2.278  1.926   1.00 29.99 ? 3  PRO C CB     1 
ATOM   380 C CG     . PRO C 2 3  ? -3.701  -3.217  1.244   1.00 34.51 ? 3  PRO C CG     1 
ATOM   381 C CD     . PRO C 2 3  ? -2.482  -3.020  2.111   1.00 35.14 ? 3  PRO C CD     1 
HETATM 382 N N      . SAR C 2 4  ? -5.076  0.637   3.627   1.00 34.28 ? 4  SAR C N      1 
HETATM 383 C CA     . SAR C 2 4  ? -5.590  1.363   2.473   1.00 34.55 ? 4  SAR C CA     1 
HETATM 384 C C      . SAR C 2 4  ? -4.868  2.680   2.184   1.00 42.07 ? 4  SAR C C      1 
HETATM 385 O O      . SAR C 2 4  ? -3.789  2.893   2.743   1.00 49.04 ? 4  SAR C O      1 
HETATM 386 C CN     . SAR C 2 4  ? -5.487  1.173   4.920   1.00 27.60 ? 4  SAR C CN     1 
HETATM 387 N N      . MVA C 2 5  ? -5.379  3.590   1.333   1.00 41.41 ? 5  MVA C N      1 
HETATM 388 C CN     . MVA C 2 5  ? -6.543  3.233   0.531   1.00 46.25 ? 5  MVA C CN     1 
HETATM 389 C CA     . MVA C 2 5  ? -4.835  4.906   1.000   1.00 35.08 ? 5  MVA C CA     1 
HETATM 390 C CB     . MVA C 2 5  ? -5.416  5.980   1.987   1.00 24.16 ? 5  MVA C CB     1 
HETATM 391 C CG1    . MVA C 2 5  ? -4.840  5.953   3.403   1.00 26.44 ? 5  MVA C CG1    1 
HETATM 392 C CG2    . MVA C 2 5  ? -5.380  7.372   1.367   1.00 13.25 ? 5  MVA C CG2    1 
HETATM 393 C C      . MVA C 2 5  ? -3.318  4.966   0.754   1.00 38.77 ? 5  MVA C C      1 
HETATM 394 O O      . MVA C 2 5  ? -2.610  5.835   1.273   1.00 49.27 ? 5  MVA C O      1 
HETATM 395 C C1     . PXF C 2 6  ? -1.880  2.162   -4.542  1.00 19.18 ? 6  PXF C C1     1 
HETATM 396 C C0     . PXF C 2 6  ? -1.296  2.150   -3.251  1.00 29.27 ? 6  PXF C C0     1 
HETATM 397 O O1     . PXF C 2 6  ? -0.080  1.992   -3.148  1.00 43.62 ? 6  PXF C O1     1 
HETATM 398 C C2     . PXF C 2 6  ? -2.065  3.351   -5.313  1.00 20.52 ? 6  PXF C C2     1 
HETATM 399 N N2     . PXF C 2 6  ? -1.705  4.561   -4.875  1.00 31.34 ? 6  PXF C N2     1 
HETATM 400 C C3     . PXF C 2 6  ? -2.653  3.273   -6.604  1.00 18.26 ? 6  PXF C C3     1 
HETATM 401 O O3     . PXF C 2 6  ? -2.806  4.311   -7.258  1.00 19.24 ? 6  PXF C O3     1 
HETATM 402 C C4     . PXF C 2 6  ? -3.056  2.024   -7.144  1.00 16.69 ? 6  PXF C C4     1 
HETATM 403 O O5     . PXF C 2 6  ? -3.235  -0.365  -6.868  1.00 17.97 ? 6  PXF C O5     1 
HETATM 404 C C6     . PXF C 2 6  ? -3.433  -2.761  -6.637  1.00 24.16 ? 6  PXF C C6     1 
HETATM 405 C C7     . PXF C 2 6  ? -3.224  -3.908  -5.841  1.00 20.55 ? 6  PXF C C7     1 
HETATM 406 C C8     . PXF C 2 6  ? -2.639  -3.802  -4.560  1.00 23.49 ? 6  PXF C C8     1 
HETATM 407 F F8     . PXF C 2 6  ? -2.473  -4.933  -3.847  1.00 23.49 ? 6  PXF C F8     1 
HETATM 408 C C9     . PXF C 2 6  ? -2.247  -2.535  -4.053  1.00 28.76 ? 6  PXF C C9     1 
HETATM 409 C "C0'"  . PXF C 2 6  ? -1.657  -2.379  -2.777  1.00 38.08 ? 6  PXF C "C0'"  1 
HETATM 410 O "O1'"  . PXF C 2 6  ? -2.393  -2.156  -1.809  1.00 53.00 ? 6  PXF C "O1'"  1 
HETATM 411 N N10    . PXF C 2 6  ? -2.116  -0.193  -4.409  1.00 11.63 ? 6  PXF C N10    1 
HETATM 412 C C11    . PXF C 2 6  ? -2.283  0.921   -5.094  1.00 15.22 ? 6  PXF C C11    1 
HETATM 413 C C12    . PXF C 2 6  ? -2.869  0.849   -6.388  1.00 17.45 ? 6  PXF C C12    1 
HETATM 414 C C13    . PXF C 2 6  ? -3.055  -1.494  -6.143  1.00 22.27 ? 6  PXF C C13    1 
HETATM 415 C C14    . PXF C 2 6  ? -2.463  -1.384  -4.853  1.00 21.19 ? 6  PXF C C14    1 
HETATM 416 C C15    . PXF C 2 6  ? -3.683  1.938   -8.531  1.00 15.08 ? 6  PXF C C15    1 
HETATM 417 C C16    . PXF C 2 6  ? -4.062  -2.908  -8.014  1.00 18.65 ? 6  PXF C C16    1 
HETATM 418 H HN21   . PXF C 2 6  ? -1.859  5.373   -5.465  0.00 0.13  ? 6  PXF C HN21   1 
HETATM 419 H HN22   . PXF C 2 6  ? -1.277  4.683   -3.968  0.00 -0.69 ? 6  PXF C HN22   1 
ATOM   420 N N      . THR C 2 7  ? -0.319  -2.429  -2.624  1.00 42.34 ? 7  THR C N      1 
ATOM   421 C CA     . THR C 2 7  ? 0.191   -2.477  -1.247  1.00 46.50 ? 7  THR C CA     1 
ATOM   422 C C      . THR C 2 7  ? 1.438   -1.642  -1.046  1.00 42.04 ? 7  THR C C      1 
ATOM   423 O O      . THR C 2 7  ? 2.222   -1.454  -1.972  1.00 36.98 ? 7  THR C O      1 
ATOM   424 C CB     . THR C 2 7  ? 0.520   -3.894  -0.713  1.00 47.70 ? 7  THR C CB     1 
ATOM   425 O OG1    . THR C 2 7  ? 1.462   -4.489  -1.618  1.00 48.30 ? 7  THR C OG1    1 
ATOM   426 C CG2    . THR C 2 7  ? -0.653  -4.848  -0.599  1.00 42.77 ? 7  THR C CG2    1 
ATOM   427 H H      . THR C 2 7  ? 0.112   -1.718  -3.144  0.00 1.50  ? 7  THR C H      1 
HETATM 428 N N      . DVA C 2 8  ? 1.653   -1.158  0.173   1.00 33.77 ? 8  DVA C N      1 
HETATM 429 C CA     . DVA C 2 8  ? 2.871   -0.445  0.518   1.00 39.54 ? 8  DVA C CA     1 
HETATM 430 C CB     . DVA C 2 8  ? 3.192   -0.641  2.020   1.00 37.91 ? 8  DVA C CB     1 
HETATM 431 C CG1    . DVA C 2 8  ? 4.474   0.050   2.461   1.00 34.46 ? 8  DVA C CG1    1 
HETATM 432 C CG2    . DVA C 2 8  ? 3.249   -2.107  2.423   1.00 42.02 ? 8  DVA C CG2    1 
HETATM 433 C C      . DVA C 2 8  ? 2.668   1.025   0.165   1.00 43.35 ? 8  DVA C C      1 
HETATM 434 O O      . DVA C 2 8  ? 1.830   1.664   0.811   1.00 48.88 ? 8  DVA C O      1 
HETATM 435 H H      . DVA C 2 8  ? 0.967   -1.263  0.859   0.00 5.08  ? 8  DVA C H      1 
ATOM   436 N N      . PRO C 2 9  ? 3.317   1.610   -0.853  1.00 44.11 ? 9  PRO C N      1 
ATOM   437 C CA     . PRO C 2 9  ? 4.276   0.959   -1.757  1.00 37.28 ? 9  PRO C CA     1 
ATOM   438 C C      . PRO C 2 9  ? 5.635   0.552   -1.177  1.00 27.92 ? 9  PRO C C      1 
ATOM   439 O O      . PRO C 2 9  ? 6.113   1.235   -0.263  1.00 32.50 ? 9  PRO C O      1 
ATOM   440 C CB     . PRO C 2 9  ? 4.431   1.995   -2.847  1.00 34.81 ? 9  PRO C CB     1 
ATOM   441 C CG     . PRO C 2 9  ? 4.271   3.308   -2.128  1.00 30.90 ? 9  PRO C CG     1 
ATOM   442 C CD     . PRO C 2 9  ? 3.067   2.989   -1.272  1.00 39.19 ? 9  PRO C CD     1 
HETATM 443 N N      . SAR C 2 10 ? 6.264   -0.552  -1.617  1.00 23.40 ? 10 SAR C N      1 
HETATM 444 C CA     . SAR C 2 10 ? 5.744   -1.522  -2.572  1.00 33.03 ? 10 SAR C CA     1 
HETATM 445 C C      . SAR C 2 10 ? 5.101   -2.748  -1.915  1.00 38.97 ? 10 SAR C C      1 
HETATM 446 O O      . SAR C 2 10 ? 5.166   -2.858  -0.691  1.00 45.95 ? 10 SAR C O      1 
HETATM 447 C CN     . SAR C 2 10 ? 7.624   -0.814  -1.167  1.00 39.25 ? 10 SAR C CN     1 
HETATM 448 N N      . MVA C 2 11 ? 4.470   -3.685  -2.652  1.00 44.37 ? 11 MVA C N      1 
HETATM 449 C CN     . MVA C 2 11 ? 4.099   -3.359  -4.019  1.00 47.28 ? 11 MVA C CN     1 
HETATM 450 C CA     . MVA C 2 11 ? 3.855   -4.931  -2.195  1.00 47.99 ? 11 MVA C CA     1 
HETATM 451 C CB     . MVA C 2 11 ? 4.912   -5.977  -1.722  1.00 49.25 ? 11 MVA C CB     1 
HETATM 452 C CG1    . MVA C 2 11 ? 4.252   -7.310  -1.381  1.00 50.89 ? 11 MVA C CG1    1 
HETATM 453 C CG2    . MVA C 2 11 ? 5.978   -6.239  -2.779  1.00 44.90 ? 11 MVA C CG2    1 
HETATM 454 C C      . MVA C 2 11 ? 2.752   -4.709  -1.157  1.00 48.61 ? 11 MVA C C      1 
HETATM 455 O O      . MVA C 2 11 ? 3.006   -4.613  0.046   1.00 42.02 ? 11 MVA C O      1 
# 
